data_2MPT
#
_entry.id   2MPT
#
loop_
_entity.id
_entity.type
_entity.pdbx_description
1 polymer 'E3 ubiquitin-protein ligase NEDD4-like'
2 polymer 'E3 ubiquitin-protein ligase NEDD4-like'
#
loop_
_entity_poly.entity_id
_entity_poly.type
_entity_poly.pdbx_seq_one_letter_code
_entity_poly.pdbx_strand_id
1 'polypeptide(L)' GAMEQSFLPPGWEMRIAPNGRPFFIDHNTKTTTWEDPRLKFPVHMRSK A
2 'polypeptide(L)' RLDLPPYETFEDL(NH2) B
#
# COMPACT_ATOMS: atom_id res chain seq x y z
N PHE A 7 2.92 -3.68 -15.64
CA PHE A 7 1.72 -4.35 -15.09
C PHE A 7 1.24 -3.63 -13.84
N LEU A 8 2.17 -3.20 -13.00
CA LEU A 8 1.84 -2.44 -11.81
C LEU A 8 2.32 -1.01 -11.97
N PRO A 9 1.40 -0.03 -11.87
CA PRO A 9 1.72 1.39 -12.08
C PRO A 9 2.90 1.86 -11.24
N PRO A 10 3.75 2.73 -11.81
CA PRO A 10 4.91 3.29 -11.14
C PRO A 10 4.54 3.93 -9.80
N GLY A 11 5.11 3.40 -8.74
CA GLY A 11 4.83 3.90 -7.41
C GLY A 11 3.83 3.02 -6.68
N TRP A 12 3.11 2.18 -7.38
CA TRP A 12 2.15 1.31 -6.74
C TRP A 12 2.81 0.01 -6.34
N GLU A 13 2.61 -0.36 -5.09
CA GLU A 13 3.26 -1.52 -4.54
C GLU A 13 2.27 -2.40 -3.79
N MET A 14 2.36 -3.70 -4.01
CA MET A 14 1.52 -4.66 -3.33
C MET A 14 2.27 -5.29 -2.18
N ARG A 15 1.94 -4.87 -0.98
CA ARG A 15 2.68 -5.25 0.20
C ARG A 15 1.75 -5.71 1.30
N ILE A 16 2.22 -6.61 2.14
CA ILE A 16 1.39 -7.15 3.20
C ILE A 16 1.89 -6.70 4.56
N ALA A 17 0.96 -6.54 5.47
CA ALA A 17 1.29 -6.28 6.87
C ALA A 17 1.40 -7.61 7.60
N PRO A 18 2.24 -7.68 8.65
CA PRO A 18 2.49 -8.93 9.41
C PRO A 18 1.23 -9.54 10.02
N ASN A 19 0.10 -8.85 9.87
CA ASN A 19 -1.17 -9.36 10.36
C ASN A 19 -1.91 -10.10 9.25
N GLY A 20 -1.34 -10.10 8.05
CA GLY A 20 -1.92 -10.83 6.95
C GLY A 20 -2.79 -9.96 6.05
N ARG A 21 -2.71 -8.65 6.24
CA ARG A 21 -3.49 -7.72 5.45
C ARG A 21 -2.67 -7.12 4.31
N PRO A 22 -3.13 -7.32 3.07
CA PRO A 22 -2.46 -6.78 1.88
C PRO A 22 -2.98 -5.38 1.50
N PHE A 23 -2.06 -4.51 1.11
CA PHE A 23 -2.42 -3.15 0.74
C PHE A 23 -1.59 -2.65 -0.44
N PHE A 24 -2.18 -1.77 -1.24
CA PHE A 24 -1.47 -1.09 -2.31
C PHE A 24 -0.98 0.26 -1.82
N ILE A 25 0.32 0.45 -1.79
CA ILE A 25 0.90 1.73 -1.41
C ILE A 25 1.32 2.48 -2.64
N ASP A 26 0.77 3.66 -2.82
CA ASP A 26 1.22 4.52 -3.89
C ASP A 26 2.34 5.40 -3.41
N HIS A 27 3.48 5.23 -4.01
CA HIS A 27 4.70 5.84 -3.55
C HIS A 27 4.86 7.30 -3.96
N ASN A 28 4.12 7.74 -4.96
CA ASN A 28 4.25 9.13 -5.40
C ASN A 28 3.46 10.05 -4.48
N THR A 29 2.20 9.72 -4.25
CA THR A 29 1.36 10.39 -3.29
C THR A 29 1.61 9.90 -1.86
N LYS A 30 2.38 8.81 -1.74
CA LYS A 30 2.69 8.14 -0.47
C LYS A 30 1.45 7.91 0.41
N THR A 31 0.43 7.33 -0.19
CA THR A 31 -0.80 7.03 0.52
C THR A 31 -1.06 5.51 0.54
N THR A 32 -1.73 5.05 1.59
CA THR A 32 -2.09 3.64 1.71
C THR A 32 -3.49 3.39 1.15
N THR A 33 -3.57 2.53 0.15
CA THR A 33 -4.85 2.20 -0.48
C THR A 33 -5.18 0.73 -0.26
N TRP A 34 -6.38 0.45 0.24
CA TRP A 34 -6.78 -0.92 0.55
C TRP A 34 -7.46 -1.59 -0.65
N GLU A 35 -8.25 -0.83 -1.39
CA GLU A 35 -9.01 -1.37 -2.49
C GLU A 35 -8.38 -1.04 -3.81
N ASP A 36 -8.56 -1.95 -4.76
CA ASP A 36 -7.97 -1.79 -6.06
C ASP A 36 -8.64 -0.64 -6.81
N PRO A 37 -7.85 0.36 -7.21
CA PRO A 37 -8.37 1.56 -7.88
C PRO A 37 -8.84 1.28 -9.30
N ARG A 38 -8.35 0.17 -9.86
CA ARG A 38 -8.67 -0.24 -11.23
C ARG A 38 -8.12 0.75 -12.25
N ARG B 1 -14.92 -1.58 9.21
CA ARG B 1 -13.86 -1.16 8.27
C ARG B 1 -12.52 -1.65 8.77
N LEU B 2 -11.74 -2.26 7.88
CA LEU B 2 -10.42 -2.74 8.22
C LEU B 2 -9.52 -1.60 8.71
N ASP B 3 -8.90 -1.81 9.85
CA ASP B 3 -8.00 -0.83 10.47
C ASP B 3 -6.90 -0.39 9.50
N LEU B 4 -6.80 0.92 9.29
CA LEU B 4 -5.72 1.47 8.48
C LEU B 4 -4.66 2.08 9.39
N PRO B 5 -3.42 1.58 9.31
CA PRO B 5 -2.30 2.12 10.06
C PRO B 5 -1.65 3.28 9.31
N PRO B 6 -1.34 4.38 10.02
CA PRO B 6 -0.67 5.55 9.44
C PRO B 6 0.56 5.13 8.64
N TYR B 7 0.64 5.59 7.40
CA TYR B 7 1.66 5.13 6.45
C TYR B 7 3.07 5.24 7.03
N GLU B 8 3.71 4.10 7.12
CA GLU B 8 5.12 4.00 7.42
C GLU B 8 5.83 3.55 6.16
N THR B 9 6.98 4.10 5.84
CA THR B 9 7.64 3.69 4.62
C THR B 9 8.44 2.42 4.83
N PHE B 10 8.05 1.42 4.08
CA PHE B 10 8.76 0.17 3.96
C PHE B 10 9.76 0.32 2.81
N GLU B 11 10.53 -0.73 2.49
CA GLU B 11 11.61 -0.63 1.52
C GLU B 11 11.17 0.07 0.23
N ASP B 12 11.92 1.10 -0.13
CA ASP B 12 11.58 1.96 -1.26
C ASP B 12 11.87 1.27 -2.60
N LEU B 13 11.11 1.64 -3.60
CA LEU B 13 11.19 1.02 -4.92
C LEU B 13 12.00 1.89 -5.87
N PHE A 7 0.83 -5.56 -14.04
CA PHE A 7 1.55 -4.97 -12.89
C PHE A 7 0.78 -3.76 -12.37
N LEU A 8 1.37 -3.02 -11.45
CA LEU A 8 0.73 -1.83 -10.91
C LEU A 8 1.08 -0.60 -11.71
N PRO A 9 0.13 0.34 -11.80
CA PRO A 9 0.41 1.75 -12.08
C PRO A 9 1.66 2.23 -11.36
N PRO A 10 2.49 3.06 -12.01
CA PRO A 10 3.77 3.52 -11.47
C PRO A 10 3.65 4.11 -10.06
N GLY A 11 4.14 3.37 -9.08
CA GLY A 11 4.14 3.85 -7.71
C GLY A 11 3.19 3.10 -6.83
N TRP A 12 2.39 2.21 -7.40
CA TRP A 12 1.50 1.39 -6.59
C TRP A 12 2.22 0.14 -6.19
N GLU A 13 2.33 -0.06 -4.90
CA GLU A 13 3.11 -1.15 -4.39
C GLU A 13 2.27 -2.09 -3.54
N MET A 14 2.33 -3.36 -3.91
CA MET A 14 1.63 -4.41 -3.18
C MET A 14 2.56 -5.04 -2.17
N ARG A 15 2.35 -4.73 -0.90
CA ARG A 15 3.23 -5.24 0.15
C ARG A 15 2.38 -5.74 1.31
N ILE A 16 2.79 -6.86 1.88
CA ILE A 16 2.02 -7.50 2.93
C ILE A 16 2.60 -7.26 4.32
N ALA A 17 1.71 -7.01 5.26
CA ALA A 17 2.07 -6.79 6.64
C ALA A 17 2.06 -8.13 7.37
N PRO A 18 2.90 -8.28 8.41
CA PRO A 18 3.02 -9.54 9.17
C PRO A 18 1.70 -10.03 9.78
N ASN A 19 0.65 -9.22 9.65
CA ASN A 19 -0.69 -9.60 10.10
C ASN A 19 -1.37 -10.47 9.05
N GLY A 20 -0.79 -10.53 7.86
CA GLY A 20 -1.34 -11.34 6.78
C GLY A 20 -2.22 -10.53 5.85
N ARG A 21 -1.84 -9.28 5.60
CA ARG A 21 -2.63 -8.41 4.74
C ARG A 21 -1.75 -7.67 3.73
N PRO A 22 -1.99 -7.86 2.41
CA PRO A 22 -1.33 -7.12 1.35
C PRO A 22 -2.08 -5.84 0.98
N PHE A 23 -1.40 -4.71 1.15
CA PHE A 23 -2.01 -3.41 0.96
C PHE A 23 -1.36 -2.67 -0.23
N PHE A 24 -2.14 -1.82 -0.88
CA PHE A 24 -1.64 -1.03 -2.00
C PHE A 24 -1.23 0.36 -1.54
N ILE A 25 0.07 0.63 -1.57
CA ILE A 25 0.56 1.97 -1.29
C ILE A 25 0.97 2.64 -2.57
N ASP A 26 0.31 3.73 -2.92
CA ASP A 26 0.75 4.50 -4.06
C ASP A 26 1.74 5.53 -3.58
N HIS A 27 2.92 5.44 -4.12
CA HIS A 27 4.05 6.20 -3.64
C HIS A 27 4.04 7.65 -4.13
N ASN A 28 3.15 7.96 -5.08
CA ASN A 28 3.12 9.32 -5.61
C ASN A 28 2.36 10.27 -4.69
N THR A 29 1.15 9.90 -4.27
CA THR A 29 0.48 10.64 -3.20
C THR A 29 0.99 10.20 -1.83
N LYS A 30 1.78 9.12 -1.85
CA LYS A 30 2.33 8.46 -0.64
C LYS A 30 1.25 8.20 0.41
N THR A 31 0.14 7.65 -0.03
CA THR A 31 -0.94 7.30 0.87
C THR A 31 -1.27 5.82 0.78
N THR A 32 -1.73 5.29 1.89
CA THR A 32 -2.05 3.88 2.01
C THR A 32 -3.50 3.60 1.63
N THR A 33 -3.70 2.63 0.74
CA THR A 33 -5.02 2.33 0.21
C THR A 33 -5.29 0.81 0.19
N TRP A 34 -6.48 0.41 0.61
CA TRP A 34 -6.89 -0.99 0.55
C TRP A 34 -7.69 -1.27 -0.72
N GLU A 35 -8.30 -0.23 -1.26
CA GLU A 35 -9.18 -0.37 -2.42
C GLU A 35 -8.39 -0.53 -3.69
N ASP A 36 -8.84 -1.47 -4.50
CA ASP A 36 -8.15 -1.81 -5.71
C ASP A 36 -8.39 -0.73 -6.77
N PRO A 37 -7.31 -0.22 -7.39
CA PRO A 37 -7.38 0.84 -8.42
C PRO A 37 -7.89 0.32 -9.76
N ARG A 38 -8.85 -0.58 -9.71
CA ARG A 38 -9.44 -1.17 -10.89
C ARG A 38 -10.23 -0.12 -11.69
N ARG B 1 -15.28 -1.19 6.29
CA ARG B 1 -14.13 -0.29 6.04
C ARG B 1 -12.93 -0.65 6.91
N LEU B 2 -11.84 -0.99 6.26
CA LEU B 2 -10.58 -1.23 6.95
C LEU B 2 -9.68 -0.02 6.82
N ASP B 3 -9.26 0.53 7.95
CA ASP B 3 -8.34 1.66 7.94
C ASP B 3 -6.91 1.17 8.07
N LEU B 4 -6.08 1.56 7.11
CA LEU B 4 -4.69 1.13 7.08
C LEU B 4 -3.90 1.91 8.12
N PRO B 5 -3.01 1.24 8.87
CA PRO B 5 -2.20 1.88 9.91
C PRO B 5 -1.38 3.04 9.34
N PRO B 6 -1.10 4.08 10.16
CA PRO B 6 -0.32 5.25 9.75
C PRO B 6 0.97 4.83 9.05
N TYR B 7 1.27 5.46 7.93
CA TYR B 7 2.33 4.97 7.07
C TYR B 7 3.70 5.12 7.73
N GLU B 8 4.35 3.98 7.92
CA GLU B 8 5.75 3.92 8.25
C GLU B 8 6.46 3.37 7.03
N THR B 9 7.51 4.03 6.55
CA THR B 9 8.12 3.60 5.31
C THR B 9 8.74 2.21 5.47
N PHE B 10 8.24 1.30 4.66
CA PHE B 10 8.76 -0.04 4.55
C PHE B 10 9.89 -0.03 3.50
N GLU B 11 10.50 -1.17 3.22
CA GLU B 11 11.68 -1.26 2.36
C GLU B 11 11.49 -0.48 1.05
N ASP B 12 12.54 0.20 0.64
CA ASP B 12 12.51 1.07 -0.54
C ASP B 12 12.38 0.26 -1.82
N LEU B 13 11.58 0.75 -2.76
CA LEU B 13 11.35 0.05 -4.01
C LEU B 13 12.24 0.62 -5.10
N PHE A 7 2.34 -4.71 -13.16
CA PHE A 7 0.87 -4.89 -13.13
C PHE A 7 0.20 -3.73 -12.41
N LEU A 8 0.81 -3.32 -11.30
CA LEU A 8 0.30 -2.20 -10.52
C LEU A 8 0.85 -0.90 -11.10
N PRO A 9 0.00 0.14 -11.21
CA PRO A 9 0.37 1.48 -11.73
C PRO A 9 1.70 2.01 -11.21
N PRO A 10 2.32 2.95 -11.94
CA PRO A 10 3.60 3.56 -11.55
C PRO A 10 3.57 4.14 -10.14
N GLY A 11 4.38 3.54 -9.27
CA GLY A 11 4.43 3.97 -7.89
C GLY A 11 3.51 3.20 -7.00
N TRP A 12 2.64 2.42 -7.61
CA TRP A 12 1.74 1.58 -6.85
C TRP A 12 2.42 0.25 -6.63
N GLU A 13 2.71 -0.03 -5.38
CA GLU A 13 3.42 -1.22 -5.02
C GLU A 13 2.62 -2.04 -4.03
N MET A 14 2.37 -3.28 -4.41
CA MET A 14 1.54 -4.17 -3.63
C MET A 14 2.39 -5.05 -2.72
N ARG A 15 2.19 -4.90 -1.42
CA ARG A 15 3.01 -5.57 -0.42
C ARG A 15 2.14 -6.09 0.72
N ILE A 16 2.58 -7.17 1.33
CA ILE A 16 1.88 -7.73 2.47
C ILE A 16 2.40 -7.12 3.77
N ALA A 17 1.47 -6.78 4.66
CA ALA A 17 1.81 -6.34 6.00
C ALA A 17 1.88 -7.56 6.90
N PRO A 18 2.72 -7.54 7.96
CA PRO A 18 3.01 -8.72 8.81
C PRO A 18 1.77 -9.37 9.43
N ASN A 19 0.61 -8.75 9.26
CA ASN A 19 -0.63 -9.29 9.77
C ASN A 19 -1.21 -10.34 8.81
N GLY A 20 -0.65 -10.39 7.60
CA GLY A 20 -1.16 -11.28 6.57
C GLY A 20 -2.14 -10.58 5.66
N ARG A 21 -2.00 -9.27 5.57
CA ARG A 21 -2.90 -8.45 4.75
C ARG A 21 -2.12 -7.66 3.71
N PRO A 22 -2.51 -7.78 2.43
CA PRO A 22 -1.87 -7.08 1.34
C PRO A 22 -2.49 -5.70 1.07
N PHE A 23 -1.66 -4.68 1.07
CA PHE A 23 -2.13 -3.33 0.85
C PHE A 23 -1.37 -2.66 -0.30
N PHE A 24 -2.02 -1.75 -0.99
CA PHE A 24 -1.40 -1.05 -2.11
C PHE A 24 -0.76 0.23 -1.61
N ILE A 25 0.56 0.31 -1.78
CA ILE A 25 1.30 1.50 -1.40
C ILE A 25 1.57 2.34 -2.63
N ASP A 26 0.88 3.45 -2.81
CA ASP A 26 1.24 4.33 -3.90
C ASP A 26 2.27 5.33 -3.42
N HIS A 27 3.42 5.24 -4.03
CA HIS A 27 4.57 6.01 -3.61
C HIS A 27 4.50 7.44 -4.13
N ASN A 28 3.65 7.69 -5.12
CA ASN A 28 3.60 9.00 -5.76
C ASN A 28 2.80 10.02 -4.94
N THR A 29 1.58 9.68 -4.52
CA THR A 29 0.85 10.55 -3.60
C THR A 29 1.35 10.33 -2.18
N LYS A 30 2.07 9.22 -2.00
CA LYS A 30 2.63 8.82 -0.70
C LYS A 30 1.51 8.34 0.22
N THR A 31 0.56 7.64 -0.36
CA THR A 31 -0.59 7.12 0.37
C THR A 31 -0.71 5.61 0.17
N THR A 32 -1.24 4.92 1.16
CA THR A 32 -1.54 3.50 1.01
C THR A 32 -3.02 3.25 1.31
N THR A 33 -3.63 2.37 0.53
CA THR A 33 -5.05 2.10 0.66
C THR A 33 -5.38 0.66 0.28
N TRP A 34 -6.42 0.12 0.90
CA TRP A 34 -6.90 -1.21 0.59
C TRP A 34 -7.61 -1.23 -0.76
N GLU A 35 -7.97 -0.05 -1.26
CA GLU A 35 -8.72 0.04 -2.51
C GLU A 35 -7.82 0.10 -3.70
N ASP A 36 -8.11 -0.76 -4.66
CA ASP A 36 -7.27 -0.91 -5.81
C ASP A 36 -7.43 0.29 -6.74
N PRO A 37 -6.34 0.72 -7.38
CA PRO A 37 -6.34 1.90 -8.26
C PRO A 37 -7.00 1.65 -9.62
N ARG A 38 -7.51 0.44 -9.81
CA ARG A 38 -8.12 -0.01 -11.07
C ARG A 38 -7.37 0.53 -12.30
N ARG B 1 -14.44 -3.53 9.42
CA ARG B 1 -13.72 -2.45 8.72
C ARG B 1 -12.22 -2.59 8.96
N LEU B 2 -11.45 -2.54 7.89
CA LEU B 2 -10.01 -2.76 7.97
C LEU B 2 -9.30 -1.48 8.40
N ASP B 3 -8.49 -1.58 9.45
CA ASP B 3 -7.74 -0.44 9.94
C ASP B 3 -6.62 -0.07 9.00
N LEU B 4 -6.64 1.16 8.52
CA LEU B 4 -5.62 1.66 7.63
C LEU B 4 -4.68 2.56 8.42
N PRO B 5 -3.39 2.22 8.47
CA PRO B 5 -2.40 3.00 9.20
C PRO B 5 -1.83 4.16 8.37
N PRO B 6 -1.75 5.37 8.96
CA PRO B 6 -1.09 6.50 8.32
C PRO B 6 0.31 6.10 7.88
N TYR B 7 0.60 6.30 6.61
CA TYR B 7 1.76 5.66 5.99
C TYR B 7 3.07 6.06 6.67
N GLU B 8 3.72 5.05 7.21
CA GLU B 8 5.10 5.12 7.65
C GLU B 8 5.91 4.28 6.68
N THR B 9 7.14 4.67 6.36
CA THR B 9 7.86 3.92 5.37
C THR B 9 8.18 2.51 5.87
N PHE B 10 7.64 1.56 5.12
CA PHE B 10 7.95 0.15 5.26
C PHE B 10 9.11 -0.14 4.31
N GLU B 11 9.58 -1.38 4.22
CA GLU B 11 10.65 -1.71 3.30
C GLU B 11 10.34 -1.16 1.90
N ASP B 12 11.23 -0.30 1.42
CA ASP B 12 10.98 0.43 0.19
C ASP B 12 11.40 -0.39 -1.02
N LEU B 13 10.54 -0.37 -2.03
CA LEU B 13 10.74 -1.14 -3.25
C LEU B 13 11.91 -0.57 -4.05
N PHE A 7 1.36 -6.23 -12.75
CA PHE A 7 1.69 -5.79 -11.38
C PHE A 7 1.35 -4.31 -11.24
N LEU A 8 1.25 -3.85 -9.99
CA LEU A 8 0.92 -2.46 -9.70
C LEU A 8 1.80 -1.48 -10.46
N PRO A 9 1.19 -0.39 -10.96
CA PRO A 9 1.87 0.75 -11.62
C PRO A 9 3.23 1.11 -10.98
N PRO A 10 4.11 1.78 -11.74
CA PRO A 10 5.50 2.06 -11.33
C PRO A 10 5.63 2.82 -10.00
N GLY A 11 4.55 3.45 -9.54
CA GLY A 11 4.58 4.13 -8.25
C GLY A 11 3.63 3.50 -7.27
N TRP A 12 2.93 2.48 -7.72
CA TRP A 12 2.05 1.72 -6.86
C TRP A 12 2.76 0.49 -6.38
N GLU A 13 2.88 0.37 -5.07
CA GLU A 13 3.58 -0.75 -4.48
C GLU A 13 2.59 -1.59 -3.68
N MET A 14 2.72 -2.89 -3.78
CA MET A 14 1.74 -3.80 -3.21
C MET A 14 2.38 -4.60 -2.09
N ARG A 15 2.02 -4.28 -0.86
CA ARG A 15 2.69 -4.87 0.29
C ARG A 15 1.69 -5.54 1.22
N ILE A 16 2.15 -6.57 1.91
CA ILE A 16 1.31 -7.32 2.81
C ILE A 16 1.83 -7.24 4.24
N ALA A 17 0.94 -6.96 5.18
CA ALA A 17 1.29 -7.00 6.59
C ALA A 17 1.01 -8.40 7.11
N PRO A 18 1.96 -8.96 7.90
CA PRO A 18 2.07 -10.38 8.26
C PRO A 18 0.82 -11.26 8.05
N ASN A 19 -0.23 -11.05 8.83
CA ASN A 19 -1.38 -11.98 8.82
C ASN A 19 -2.29 -11.80 7.60
N GLY A 20 -1.86 -11.06 6.59
CA GLY A 20 -2.65 -10.97 5.38
C GLY A 20 -3.24 -9.61 5.10
N ARG A 21 -2.50 -8.54 5.41
CA ARG A 21 -2.95 -7.19 5.08
C ARG A 21 -2.43 -6.80 3.69
N PRO A 22 -3.27 -6.78 2.66
CA PRO A 22 -2.86 -6.35 1.33
C PRO A 22 -3.12 -4.87 1.13
N PHE A 23 -2.07 -4.06 1.18
CA PHE A 23 -2.23 -2.62 1.00
C PHE A 23 -1.40 -2.11 -0.18
N PHE A 24 -2.00 -1.20 -0.93
CA PHE A 24 -1.38 -0.64 -2.12
C PHE A 24 -0.98 0.81 -1.85
N ILE A 25 0.32 1.07 -1.90
CA ILE A 25 0.84 2.40 -1.65
C ILE A 25 1.15 3.10 -2.95
N ASP A 26 0.48 4.19 -3.24
CA ASP A 26 0.92 5.01 -4.35
C ASP A 26 1.90 6.03 -3.81
N HIS A 27 3.10 5.95 -4.34
CA HIS A 27 4.22 6.69 -3.80
C HIS A 27 4.22 8.15 -4.24
N ASN A 28 3.36 8.49 -5.20
CA ASN A 28 3.32 9.86 -5.70
C ASN A 28 2.55 10.77 -4.73
N THR A 29 1.34 10.38 -4.32
CA THR A 29 0.63 11.12 -3.29
C THR A 29 1.16 10.73 -1.90
N LYS A 30 1.77 9.54 -1.84
CA LYS A 30 2.31 8.97 -0.61
C LYS A 30 1.16 8.55 0.32
N THR A 31 0.23 7.80 -0.23
CA THR A 31 -0.91 7.32 0.54
C THR A 31 -1.09 5.82 0.35
N THR A 32 -1.63 5.17 1.37
CA THR A 32 -1.85 3.74 1.35
C THR A 32 -3.35 3.43 1.21
N THR A 33 -3.72 2.73 0.15
CA THR A 33 -5.11 2.40 -0.10
C THR A 33 -5.38 0.94 0.17
N TRP A 34 -6.61 0.63 0.58
CA TRP A 34 -7.05 -0.74 0.73
C TRP A 34 -7.80 -1.18 -0.52
N GLU A 35 -8.09 -0.21 -1.39
CA GLU A 35 -8.82 -0.48 -2.61
C GLU A 35 -7.87 -0.64 -3.78
N ASP A 36 -8.21 -1.60 -4.61
CA ASP A 36 -7.40 -1.95 -5.73
C ASP A 36 -7.69 -1.00 -6.89
N PRO A 37 -6.67 -0.46 -7.55
CA PRO A 37 -6.85 0.51 -8.65
C PRO A 37 -7.35 -0.13 -9.95
N ARG A 38 -7.97 -1.30 -9.84
CA ARG A 38 -8.55 -1.96 -11.01
C ARG A 38 -9.65 -1.11 -11.65
N ARG B 1 -15.13 -3.12 10.10
CA ARG B 1 -14.30 -1.91 10.00
C ARG B 1 -12.84 -2.27 9.73
N LEU B 2 -12.31 -1.80 8.61
CA LEU B 2 -10.91 -2.02 8.30
C LEU B 2 -10.14 -0.73 8.53
N ASP B 3 -9.17 -0.78 9.42
CA ASP B 3 -8.40 0.40 9.80
C ASP B 3 -7.06 0.47 9.06
N LEU B 4 -6.81 1.60 8.43
CA LEU B 4 -5.54 1.85 7.75
C LEU B 4 -4.45 2.21 8.76
N PRO B 5 -3.34 1.47 8.78
CA PRO B 5 -2.23 1.78 9.67
C PRO B 5 -1.41 2.97 9.16
N PRO B 6 -1.01 3.87 10.08
CA PRO B 6 -0.15 5.00 9.74
C PRO B 6 1.06 4.58 8.92
N TYR B 7 1.30 5.27 7.82
CA TYR B 7 2.34 4.84 6.89
C TYR B 7 3.72 5.30 7.33
N GLU B 8 4.58 4.33 7.56
CA GLU B 8 6.01 4.56 7.69
C GLU B 8 6.65 3.99 6.44
N THR B 9 7.70 4.61 5.94
CA THR B 9 8.26 4.15 4.69
C THR B 9 8.91 2.78 4.86
N PHE B 10 8.37 1.85 4.10
CA PHE B 10 8.89 0.51 3.97
C PHE B 10 9.91 0.52 2.84
N GLU B 11 10.51 -0.64 2.53
CA GLU B 11 11.64 -0.71 1.61
C GLU B 11 11.40 0.07 0.31
N ASP B 12 12.46 0.74 -0.14
CA ASP B 12 12.46 1.52 -1.37
C ASP B 12 11.97 0.69 -2.55
N LEU B 13 11.04 1.27 -3.31
CA LEU B 13 10.44 0.59 -4.45
C LEU B 13 11.50 0.22 -5.48
N PHE A 7 -0.33 -4.17 -15.38
CA PHE A 7 -0.57 -3.99 -13.94
C PHE A 7 -0.74 -2.52 -13.60
N LEU A 8 -1.06 -2.28 -12.35
CA LEU A 8 -1.22 -0.94 -11.80
C LEU A 8 0.04 -0.08 -12.02
N PRO A 9 -0.13 1.26 -12.01
CA PRO A 9 0.97 2.23 -12.08
C PRO A 9 2.23 1.81 -11.29
N PRO A 10 3.43 2.06 -11.86
CA PRO A 10 4.70 1.65 -11.24
C PRO A 10 4.97 2.31 -9.89
N GLY A 11 4.18 3.32 -9.54
CA GLY A 11 4.32 3.95 -8.24
C GLY A 11 3.38 3.34 -7.23
N TRP A 12 2.51 2.47 -7.72
CA TRP A 12 1.61 1.72 -6.87
C TRP A 12 2.20 0.36 -6.58
N GLU A 13 2.61 0.17 -5.35
CA GLU A 13 3.31 -1.04 -4.96
C GLU A 13 2.40 -1.95 -4.16
N MET A 14 2.52 -3.25 -4.38
CA MET A 14 1.68 -4.23 -3.69
C MET A 14 2.50 -4.95 -2.65
N ARG A 15 2.20 -4.67 -1.40
CA ARG A 15 2.99 -5.21 -0.30
C ARG A 15 2.11 -5.67 0.85
N ILE A 16 2.55 -6.70 1.54
CA ILE A 16 1.83 -7.22 2.69
C ILE A 16 2.45 -6.72 3.99
N ALA A 17 1.61 -6.57 5.00
CA ALA A 17 2.09 -6.21 6.33
C ALA A 17 2.41 -7.48 7.11
N PRO A 18 3.38 -7.40 8.05
CA PRO A 18 3.87 -8.57 8.80
C PRO A 18 2.79 -9.33 9.60
N ASN A 19 1.56 -8.82 9.59
CA ASN A 19 0.46 -9.50 10.26
C ASN A 19 -0.47 -10.18 9.24
N GLY A 20 -0.24 -9.91 7.96
CA GLY A 20 -0.98 -10.58 6.91
C GLY A 20 -2.06 -9.74 6.27
N ARG A 21 -1.83 -8.44 6.16
CA ARG A 21 -2.74 -7.57 5.41
C ARG A 21 -2.03 -6.95 4.21
N PRO A 22 -2.59 -7.15 3.01
CA PRO A 22 -2.00 -6.62 1.77
C PRO A 22 -2.53 -5.22 1.44
N PHE A 23 -1.62 -4.29 1.21
CA PHE A 23 -2.02 -2.93 0.88
C PHE A 23 -1.26 -2.40 -0.34
N PHE A 24 -1.96 -1.58 -1.11
CA PHE A 24 -1.37 -0.88 -2.24
C PHE A 24 -0.83 0.47 -1.77
N ILE A 25 0.46 0.68 -1.97
CA ILE A 25 1.10 1.94 -1.60
C ILE A 25 1.38 2.75 -2.82
N ASP A 26 0.73 3.90 -2.97
CA ASP A 26 1.14 4.80 -4.01
C ASP A 26 2.20 5.73 -3.48
N HIS A 27 3.33 5.64 -4.12
CA HIS A 27 4.53 6.29 -3.65
C HIS A 27 4.56 7.77 -3.99
N ASN A 28 3.64 8.21 -4.83
CA ASN A 28 3.65 9.59 -5.27
C ASN A 28 3.05 10.49 -4.21
N THR A 29 1.86 10.12 -3.75
CA THR A 29 1.22 10.79 -2.65
C THR A 29 1.76 10.32 -1.30
N LYS A 30 2.44 9.16 -1.31
CA LYS A 30 2.92 8.49 -0.09
C LYS A 30 1.74 7.98 0.71
N THR A 31 0.76 7.41 0.01
CA THR A 31 -0.50 7.00 0.64
C THR A 31 -0.77 5.50 0.43
N THR A 32 -1.35 4.87 1.45
CA THR A 32 -1.73 3.47 1.36
C THR A 32 -3.24 3.33 1.14
N THR A 33 -3.65 2.28 0.46
CA THR A 33 -5.06 2.02 0.21
C THR A 33 -5.30 0.51 0.13
N TRP A 34 -6.49 0.07 0.51
CA TRP A 34 -6.81 -1.36 0.55
C TRP A 34 -7.36 -1.85 -0.79
N GLU A 35 -8.17 -1.01 -1.44
CA GLU A 35 -8.88 -1.41 -2.63
C GLU A 35 -8.03 -1.31 -3.87
N ASP A 36 -8.21 -2.29 -4.74
CA ASP A 36 -7.45 -2.38 -5.96
C ASP A 36 -7.92 -1.31 -6.95
N PRO A 37 -6.98 -0.47 -7.42
CA PRO A 37 -7.29 0.67 -8.28
C PRO A 37 -7.42 0.31 -9.75
N ARG A 38 -7.02 -0.89 -10.12
CA ARG A 38 -7.04 -1.32 -11.51
C ARG A 38 -6.69 -2.81 -11.61
N ARG B 1 -15.57 -0.98 9.08
CA ARG B 1 -14.46 -0.33 8.35
C ARG B 1 -13.14 -1.03 8.64
N LEU B 2 -12.43 -1.42 7.60
CA LEU B 2 -11.12 -2.05 7.75
C LEU B 2 -10.10 -0.97 8.11
N ASP B 3 -9.39 -1.18 9.22
CA ASP B 3 -8.48 -0.16 9.73
C ASP B 3 -7.28 0.00 8.82
N LEU B 4 -7.11 1.20 8.30
CA LEU B 4 -5.95 1.52 7.47
C LEU B 4 -4.89 2.19 8.32
N PRO B 5 -3.69 1.59 8.41
CA PRO B 5 -2.58 2.17 9.16
C PRO B 5 -1.97 3.36 8.42
N PRO B 6 -1.80 4.50 9.12
CA PRO B 6 -1.11 5.67 8.57
C PRO B 6 0.24 5.27 8.01
N TYR B 7 0.57 5.80 6.84
CA TYR B 7 1.73 5.33 6.08
C TYR B 7 3.01 5.36 6.92
N GLU B 8 3.58 4.18 7.07
CA GLU B 8 4.90 3.99 7.63
C GLU B 8 5.80 3.54 6.49
N THR B 9 7.10 3.75 6.59
CA THR B 9 7.94 3.23 5.54
C THR B 9 8.28 1.78 5.81
N PHE B 10 7.87 0.96 4.88
CA PHE B 10 8.17 -0.46 4.81
C PHE B 10 9.40 -0.61 3.93
N GLU B 11 9.85 -1.85 3.71
CA GLU B 11 11.05 -2.11 2.93
C GLU B 11 11.05 -1.33 1.62
N ASP B 12 12.08 -0.50 1.45
CA ASP B 12 12.14 0.48 0.38
C ASP B 12 12.04 -0.14 -1.00
N LEU B 13 11.29 0.51 -1.87
CA LEU B 13 11.06 0.04 -3.24
C LEU B 13 12.39 0.02 -4.01
N PHE A 7 2.90 -5.15 -14.60
CA PHE A 7 1.45 -5.38 -14.44
C PHE A 7 0.86 -4.39 -13.45
N LEU A 8 1.66 -3.99 -12.48
CA LEU A 8 1.23 -3.06 -11.45
C LEU A 8 1.96 -1.73 -11.64
N PRO A 9 1.21 -0.59 -11.58
CA PRO A 9 1.79 0.75 -11.69
C PRO A 9 3.00 0.93 -10.77
N PRO A 10 4.08 1.55 -11.28
CA PRO A 10 5.37 1.63 -10.57
C PRO A 10 5.29 2.28 -9.19
N GLY A 11 4.27 3.08 -8.96
CA GLY A 11 4.13 3.72 -7.66
C GLY A 11 3.13 3.02 -6.77
N TRP A 12 2.35 2.12 -7.34
CA TRP A 12 1.42 1.33 -6.55
C TRP A 12 2.11 0.08 -6.09
N GLU A 13 2.36 0.02 -4.81
CA GLU A 13 3.07 -1.11 -4.25
C GLU A 13 2.16 -1.98 -3.40
N MET A 14 2.16 -3.28 -3.69
CA MET A 14 1.36 -4.24 -2.93
C MET A 14 2.18 -4.82 -1.81
N ARG A 15 1.90 -4.40 -0.59
CA ARG A 15 2.71 -4.78 0.55
C ARG A 15 1.96 -5.69 1.49
N ILE A 16 2.64 -6.71 1.99
CA ILE A 16 2.01 -7.73 2.82
C ILE A 16 2.23 -7.45 4.31
N ALA A 17 1.14 -7.31 5.05
CA ALA A 17 1.21 -7.26 6.50
C ALA A 17 1.01 -8.66 7.05
N PRO A 18 1.63 -8.99 8.21
CA PRO A 18 1.60 -10.35 8.79
C PRO A 18 0.19 -10.89 9.06
N ASN A 19 -0.80 -10.02 9.00
CA ASN A 19 -2.21 -10.42 9.14
C ASN A 19 -2.69 -11.10 7.84
N GLY A 20 -1.86 -11.05 6.82
CA GLY A 20 -2.23 -11.59 5.53
C GLY A 20 -2.99 -10.57 4.72
N ARG A 21 -2.86 -9.31 5.12
CA ARG A 21 -3.51 -8.21 4.43
C ARG A 21 -2.51 -7.47 3.56
N PRO A 22 -2.71 -7.50 2.24
CA PRO A 22 -1.89 -6.72 1.31
C PRO A 22 -2.48 -5.34 1.07
N PHE A 23 -1.73 -4.32 1.44
CA PHE A 23 -2.19 -2.94 1.30
C PHE A 23 -1.47 -2.26 0.13
N PHE A 24 -2.21 -1.46 -0.62
CA PHE A 24 -1.66 -0.76 -1.76
C PHE A 24 -1.12 0.59 -1.35
N ILE A 25 0.15 0.79 -1.54
CA ILE A 25 0.79 2.04 -1.24
C ILE A 25 1.07 2.78 -2.52
N ASP A 26 0.41 3.90 -2.74
CA ASP A 26 0.78 4.71 -3.87
C ASP A 26 1.82 5.68 -3.42
N HIS A 27 2.93 5.55 -4.07
CA HIS A 27 4.13 6.28 -3.70
C HIS A 27 4.11 7.70 -4.20
N ASN A 28 3.17 8.04 -5.07
CA ASN A 28 3.13 9.38 -5.64
C ASN A 28 2.49 10.35 -4.67
N THR A 29 1.33 9.97 -4.18
CA THR A 29 0.62 10.76 -3.20
C THR A 29 1.16 10.52 -1.79
N LYS A 30 1.85 9.38 -1.61
CA LYS A 30 2.40 8.97 -0.32
C LYS A 30 1.26 8.51 0.60
N THR A 31 0.18 8.02 0.00
CA THR A 31 -1.01 7.67 0.76
C THR A 31 -1.24 6.17 0.87
N THR A 32 -1.85 5.76 1.97
CA THR A 32 -2.14 4.37 2.26
C THR A 32 -3.54 3.99 1.78
N THR A 33 -3.64 3.03 0.86
CA THR A 33 -4.94 2.64 0.31
C THR A 33 -5.19 1.14 0.44
N TRP A 34 -6.45 0.78 0.70
CA TRP A 34 -6.89 -0.61 0.58
C TRP A 34 -7.52 -0.81 -0.80
N GLU A 35 -7.72 0.29 -1.49
CA GLU A 35 -8.46 0.30 -2.73
C GLU A 35 -7.62 -0.16 -3.88
N ASP A 36 -8.17 -1.10 -4.63
CA ASP A 36 -7.46 -1.61 -5.75
C ASP A 36 -7.70 -0.74 -6.96
N PRO A 37 -6.63 -0.32 -7.64
CA PRO A 37 -6.71 0.64 -8.76
C PRO A 37 -7.19 0.00 -10.06
N ARG A 38 -7.89 -1.12 -9.94
CA ARG A 38 -8.43 -1.86 -11.09
C ARG A 38 -7.31 -2.42 -11.95
N ARG B 1 -14.08 -2.50 8.47
CA ARG B 1 -12.68 -2.52 8.00
C ARG B 1 -11.80 -1.63 8.87
N LEU B 2 -10.67 -2.17 9.29
CA LEU B 2 -9.68 -1.39 10.04
C LEU B 2 -8.91 -0.49 9.07
N ASP B 3 -8.95 0.82 9.33
CA ASP B 3 -8.29 1.80 8.48
C ASP B 3 -6.78 1.56 8.49
N LEU B 4 -6.20 1.50 7.29
CA LEU B 4 -4.78 1.17 7.12
C LEU B 4 -3.90 2.03 8.01
N PRO B 5 -2.98 1.38 8.78
CA PRO B 5 -2.16 2.07 9.78
C PRO B 5 -1.37 3.25 9.21
N PRO B 6 -1.08 4.26 10.05
CA PRO B 6 -0.29 5.43 9.64
C PRO B 6 1.00 5.00 8.93
N TYR B 7 1.23 5.58 7.77
CA TYR B 7 2.31 5.13 6.91
C TYR B 7 3.67 5.25 7.60
N GLU B 8 4.33 4.10 7.73
CA GLU B 8 5.72 4.03 8.13
C GLU B 8 6.49 3.63 6.88
N THR B 9 7.53 4.35 6.52
CA THR B 9 8.17 4.05 5.26
C THR B 9 8.94 2.74 5.34
N PHE B 10 8.51 1.83 4.50
CA PHE B 10 9.14 0.55 4.27
C PHE B 10 10.03 0.71 3.05
N GLU B 11 10.70 -0.35 2.61
CA GLU B 11 11.69 -0.28 1.53
C GLU B 11 11.17 0.49 0.31
N ASP B 12 12.04 1.32 -0.25
CA ASP B 12 11.67 2.20 -1.36
C ASP B 12 11.27 1.38 -2.59
N LEU B 13 10.28 1.90 -3.31
CA LEU B 13 9.71 1.23 -4.48
C LEU B 13 10.76 1.05 -5.58
N PHE A 7 -2.17 -3.85 -14.39
CA PHE A 7 -1.36 -4.47 -13.32
C PHE A 7 -1.08 -3.44 -12.22
N LEU A 8 0.18 -3.33 -11.79
CA LEU A 8 0.54 -2.42 -10.72
C LEU A 8 1.37 -1.27 -11.27
N PRO A 9 0.83 -0.04 -11.22
CA PRO A 9 1.53 1.18 -11.65
C PRO A 9 2.91 1.33 -11.00
N PRO A 10 3.84 2.01 -11.71
CA PRO A 10 5.26 2.11 -11.29
C PRO A 10 5.50 2.83 -9.95
N GLY A 11 4.46 3.44 -9.40
CA GLY A 11 4.60 4.05 -8.08
C GLY A 11 3.68 3.44 -7.07
N TRP A 12 2.82 2.55 -7.52
CA TRP A 12 1.96 1.82 -6.62
C TRP A 12 2.66 0.57 -6.21
N GLU A 13 2.79 0.36 -4.92
CA GLU A 13 3.46 -0.79 -4.43
C GLU A 13 2.49 -1.68 -3.67
N MET A 14 2.56 -2.95 -3.95
CA MET A 14 1.62 -3.92 -3.40
C MET A 14 2.33 -4.81 -2.40
N ARG A 15 2.12 -4.53 -1.12
CA ARG A 15 2.84 -5.20 -0.05
C ARG A 15 1.88 -5.70 1.00
N ILE A 16 2.22 -6.78 1.68
CA ILE A 16 1.42 -7.22 2.80
C ILE A 16 2.09 -6.87 4.13
N ALA A 17 1.29 -6.64 5.14
CA ALA A 17 1.78 -6.44 6.49
C ALA A 17 1.86 -7.80 7.15
N PRO A 18 2.79 -8.01 8.10
CA PRO A 18 3.20 -9.34 8.64
C PRO A 18 2.08 -10.36 8.95
N ASN A 19 0.82 -9.99 8.90
CA ASN A 19 -0.28 -10.96 9.06
C ASN A 19 -0.86 -11.36 7.70
N GLY A 20 -0.36 -10.72 6.65
CA GLY A 20 -0.77 -11.04 5.30
C GLY A 20 -1.86 -10.13 4.76
N ARG A 21 -1.95 -8.91 5.26
CA ARG A 21 -2.88 -7.92 4.68
C ARG A 21 -2.19 -7.14 3.58
N PRO A 22 -2.71 -7.19 2.36
CA PRO A 22 -2.13 -6.50 1.22
C PRO A 22 -2.67 -5.09 1.05
N PHE A 23 -1.78 -4.12 1.22
CA PHE A 23 -2.15 -2.72 1.10
C PHE A 23 -1.37 -2.07 -0.04
N PHE A 24 -2.06 -1.31 -0.86
CA PHE A 24 -1.44 -0.64 -2.00
C PHE A 24 -0.94 0.73 -1.58
N ILE A 25 0.37 0.90 -1.61
CA ILE A 25 0.99 2.15 -1.23
C ILE A 25 1.43 2.88 -2.46
N ASP A 26 0.75 3.96 -2.81
CA ASP A 26 1.21 4.74 -3.91
C ASP A 26 2.14 5.80 -3.46
N HIS A 27 3.25 5.73 -4.12
CA HIS A 27 4.43 6.49 -3.77
C HIS A 27 4.35 7.93 -4.29
N ASN A 28 3.36 8.21 -5.14
CA ASN A 28 3.16 9.56 -5.63
C ASN A 28 2.43 10.40 -4.59
N THR A 29 1.33 9.87 -4.07
CA THR A 29 0.56 10.55 -3.04
C THR A 29 1.18 10.36 -1.66
N LYS A 30 2.03 9.34 -1.54
CA LYS A 30 2.65 8.95 -0.27
C LYS A 30 1.60 8.34 0.65
N THR A 31 0.50 7.87 0.06
CA THR A 31 -0.59 7.32 0.83
C THR A 31 -0.94 5.90 0.37
N THR A 32 -1.43 5.11 1.30
CA THR A 32 -1.79 3.74 0.99
C THR A 32 -3.30 3.54 1.11
N THR A 33 -3.83 2.62 0.31
CA THR A 33 -5.25 2.33 0.29
C THR A 33 -5.48 0.85 0.05
N TRP A 34 -6.58 0.32 0.57
CA TRP A 34 -6.94 -1.08 0.36
C TRP A 34 -7.61 -1.26 -1.01
N GLU A 35 -7.86 -0.15 -1.68
CA GLU A 35 -8.56 -0.16 -2.96
C GLU A 35 -7.60 -0.39 -4.10
N ASP A 36 -7.97 -1.33 -4.95
CA ASP A 36 -7.12 -1.71 -6.04
C ASP A 36 -7.34 -0.76 -7.23
N PRO A 37 -6.25 -0.17 -7.75
CA PRO A 37 -6.34 0.82 -8.82
C PRO A 37 -6.61 0.20 -10.20
N ARG A 38 -6.68 -1.14 -10.22
CA ARG A 38 -7.01 -1.90 -11.44
C ARG A 38 -5.95 -1.70 -12.52
N ARG B 1 -14.76 -2.81 11.53
CA ARG B 1 -14.18 -1.72 10.71
C ARG B 1 -12.69 -1.95 10.50
N LEU B 2 -12.29 -2.07 9.24
CA LEU B 2 -10.89 -2.23 8.88
C LEU B 2 -10.22 -0.86 8.82
N ASP B 3 -9.17 -0.67 9.59
CA ASP B 3 -8.50 0.63 9.66
C ASP B 3 -7.22 0.64 8.84
N LEU B 4 -7.16 1.54 7.86
CA LEU B 4 -5.96 1.77 7.06
C LEU B 4 -4.88 2.41 7.92
N PRO B 5 -3.68 1.79 8.01
CA PRO B 5 -2.60 2.31 8.84
C PRO B 5 -1.92 3.53 8.24
N PRO B 6 -1.74 4.61 9.03
CA PRO B 6 -1.00 5.78 8.60
C PRO B 6 0.39 5.38 8.10
N TYR B 7 0.71 5.75 6.87
CA TYR B 7 1.89 5.21 6.20
C TYR B 7 3.18 5.63 6.92
N GLU B 8 3.90 4.62 7.38
CA GLU B 8 5.28 4.72 7.80
C GLU B 8 6.10 3.99 6.75
N THR B 9 7.28 4.48 6.42
CA THR B 9 7.98 3.87 5.32
C THR B 9 8.52 2.49 5.69
N PHE B 10 8.03 1.54 4.94
CA PHE B 10 8.45 0.16 4.99
C PHE B 10 9.50 -0.04 3.88
N GLU B 11 10.02 -1.25 3.73
CA GLU B 11 11.14 -1.52 2.80
C GLU B 11 10.91 -0.90 1.40
N ASP B 12 12.00 -0.45 0.81
CA ASP B 12 11.99 0.24 -0.48
C ASP B 12 11.31 -0.60 -1.56
N LEU B 13 10.53 0.07 -2.40
CA LEU B 13 9.79 -0.60 -3.48
C LEU B 13 10.71 -1.44 -4.38
N PHE A 7 4.47 -3.89 -13.59
CA PHE A 7 3.16 -4.58 -13.65
C PHE A 7 2.04 -3.55 -13.67
N LEU A 8 1.84 -2.89 -12.55
CA LEU A 8 0.78 -1.91 -12.40
C LEU A 8 1.39 -0.51 -12.32
N PRO A 9 0.58 0.54 -12.57
CA PRO A 9 1.03 1.94 -12.63
C PRO A 9 2.26 2.25 -11.76
N PRO A 10 3.27 2.91 -12.36
CA PRO A 10 4.53 3.20 -11.69
C PRO A 10 4.35 3.80 -10.30
N GLY A 11 4.79 3.06 -9.30
CA GLY A 11 4.73 3.52 -7.94
C GLY A 11 3.69 2.81 -7.12
N TRP A 12 2.91 1.96 -7.74
CA TRP A 12 1.90 1.20 -7.02
C TRP A 12 2.49 -0.11 -6.55
N GLU A 13 2.75 -0.17 -5.27
CA GLU A 13 3.39 -1.31 -4.68
C GLU A 13 2.39 -2.22 -4.00
N MET A 14 2.50 -3.50 -4.28
CA MET A 14 1.60 -4.51 -3.73
C MET A 14 2.34 -5.30 -2.68
N ARG A 15 2.01 -5.06 -1.43
CA ARG A 15 2.74 -5.64 -0.33
C ARG A 15 1.83 -5.90 0.86
N ILE A 16 2.15 -6.91 1.63
CA ILE A 16 1.35 -7.25 2.79
C ILE A 16 2.04 -6.78 4.07
N ALA A 17 1.25 -6.45 5.08
CA ALA A 17 1.81 -6.17 6.39
C ALA A 17 1.85 -7.47 7.17
N PRO A 18 2.82 -7.63 8.09
CA PRO A 18 3.00 -8.88 8.85
C PRO A 18 1.74 -9.34 9.59
N ASN A 19 0.76 -8.45 9.70
CA ASN A 19 -0.51 -8.76 10.33
C ASN A 19 -1.38 -9.61 9.41
N GLY A 20 -0.97 -9.73 8.15
CA GLY A 20 -1.72 -10.54 7.20
C GLY A 20 -2.67 -9.68 6.36
N ARG A 21 -2.22 -8.47 6.03
CA ARG A 21 -3.05 -7.53 5.30
C ARG A 21 -2.34 -7.03 4.04
N PRO A 22 -2.96 -7.20 2.87
CA PRO A 22 -2.40 -6.73 1.60
C PRO A 22 -2.82 -5.29 1.25
N PHE A 23 -1.85 -4.43 1.01
CA PHE A 23 -2.13 -3.04 0.69
C PHE A 23 -1.38 -2.57 -0.56
N PHE A 24 -2.02 -1.69 -1.32
CA PHE A 24 -1.36 -0.99 -2.42
C PHE A 24 -0.84 0.35 -1.93
N ILE A 25 0.47 0.48 -1.92
CA ILE A 25 1.09 1.75 -1.58
C ILE A 25 1.52 2.43 -2.84
N ASP A 26 0.84 3.51 -3.22
CA ASP A 26 1.26 4.25 -4.38
C ASP A 26 2.24 5.31 -3.95
N HIS A 27 3.42 5.22 -4.50
CA HIS A 27 4.53 6.02 -4.05
C HIS A 27 4.50 7.43 -4.62
N ASN A 28 3.61 7.69 -5.56
CA ASN A 28 3.53 9.02 -6.14
C ASN A 28 2.75 9.97 -5.23
N THR A 29 1.56 9.58 -4.78
CA THR A 29 0.87 10.36 -3.76
C THR A 29 1.42 10.03 -2.38
N LYS A 30 1.97 8.82 -2.25
CA LYS A 30 2.52 8.29 -0.99
C LYS A 30 1.38 7.79 -0.10
N THR A 31 0.32 7.31 -0.73
CA THR A 31 -0.84 6.83 0.00
C THR A 31 -0.89 5.30 0.02
N THR A 32 -1.47 4.74 1.07
CA THR A 32 -1.65 3.30 1.17
C THR A 32 -3.15 2.98 1.21
N THR A 33 -3.65 2.34 0.17
CA THR A 33 -5.07 2.06 0.06
C THR A 33 -5.35 0.56 0.15
N TRP A 34 -6.52 0.21 0.67
CA TRP A 34 -6.92 -1.18 0.84
C TRP A 34 -7.74 -1.67 -0.33
N GLU A 35 -8.31 -0.73 -1.08
CA GLU A 35 -9.23 -1.06 -2.15
C GLU A 35 -8.68 -0.61 -3.47
N ASP A 36 -8.78 -1.49 -4.45
CA ASP A 36 -8.20 -1.24 -5.75
C ASP A 36 -8.83 -0.04 -6.42
N PRO A 37 -8.05 1.05 -6.56
CA PRO A 37 -8.53 2.32 -7.08
C PRO A 37 -8.12 2.57 -8.54
N ARG A 38 -7.68 1.53 -9.24
CA ARG A 38 -7.23 1.71 -10.61
C ARG A 38 -8.26 1.14 -11.60
N ARG B 1 -14.68 -4.07 9.51
CA ARG B 1 -13.91 -3.20 8.60
C ARG B 1 -12.48 -3.07 9.11
N LEU B 2 -11.50 -3.44 8.28
CA LEU B 2 -10.11 -3.44 8.71
C LEU B 2 -9.57 -2.02 8.86
N ASP B 3 -8.55 -1.89 9.70
CA ASP B 3 -7.97 -0.60 10.06
C ASP B 3 -6.87 -0.18 9.09
N LEU B 4 -6.79 1.11 8.84
CA LEU B 4 -5.70 1.68 8.05
C LEU B 4 -4.72 2.39 8.98
N PRO B 5 -3.46 1.96 9.02
CA PRO B 5 -2.43 2.63 9.79
C PRO B 5 -1.80 3.79 9.03
N PRO B 6 -1.54 4.92 9.71
CA PRO B 6 -0.84 6.05 9.11
C PRO B 6 0.46 5.60 8.47
N TYR B 7 0.66 5.93 7.20
CA TYR B 7 1.74 5.32 6.43
C TYR B 7 3.10 5.73 6.99
N GLU B 8 3.84 4.71 7.39
CA GLU B 8 5.25 4.82 7.71
C GLU B 8 5.99 4.09 6.61
N THR B 9 7.04 4.68 6.04
CA THR B 9 7.69 4.04 4.91
C THR B 9 8.17 2.64 5.27
N PHE B 10 7.62 1.68 4.54
CA PHE B 10 7.97 0.28 4.66
C PHE B 10 9.20 0.01 3.80
N GLU B 11 9.67 -1.24 3.78
CA GLU B 11 10.88 -1.60 3.04
C GLU B 11 10.87 -1.04 1.62
N ASP B 12 12.04 -0.55 1.18
CA ASP B 12 12.18 0.13 -0.10
C ASP B 12 11.62 -0.68 -1.25
N LEU B 13 10.83 0.00 -2.07
CA LEU B 13 10.23 -0.60 -3.24
C LEU B 13 11.29 -0.98 -4.28
N PHE A 7 2.07 -6.18 -13.73
CA PHE A 7 0.70 -6.09 -13.18
C PHE A 7 0.53 -4.86 -12.30
N LEU A 8 1.64 -4.32 -11.82
CA LEU A 8 1.60 -3.22 -10.87
C LEU A 8 2.11 -1.94 -11.53
N PRO A 9 1.25 -0.90 -11.60
CA PRO A 9 1.63 0.40 -12.16
C PRO A 9 2.89 0.99 -11.53
N PRO A 10 3.64 1.79 -12.31
CA PRO A 10 4.94 2.36 -11.94
C PRO A 10 5.10 2.68 -10.45
N GLY A 11 4.39 3.69 -9.95
CA GLY A 11 4.60 4.12 -8.58
C GLY A 11 3.67 3.44 -7.60
N TRP A 12 2.96 2.44 -8.05
CA TRP A 12 2.11 1.67 -7.17
C TRP A 12 2.89 0.53 -6.58
N GLU A 13 3.00 0.52 -5.28
CA GLU A 13 3.70 -0.52 -4.56
C GLU A 13 2.69 -1.44 -3.91
N MET A 14 2.95 -2.73 -3.92
CA MET A 14 2.03 -3.69 -3.33
C MET A 14 2.75 -4.48 -2.24
N ARG A 15 2.43 -4.20 -0.99
CA ARG A 15 3.08 -4.87 0.13
C ARG A 15 2.04 -5.48 1.06
N ILE A 16 2.29 -6.71 1.47
CA ILE A 16 1.32 -7.45 2.27
C ILE A 16 1.73 -7.54 3.73
N ALA A 17 0.78 -7.18 4.59
CA ALA A 17 0.97 -7.22 6.03
C ALA A 17 0.54 -8.58 6.56
N PRO A 18 1.16 -9.04 7.67
CA PRO A 18 0.93 -10.38 8.24
C PRO A 18 -0.52 -10.69 8.62
N ASN A 19 -1.41 -9.72 8.46
CA ASN A 19 -2.84 -9.94 8.72
C ASN A 19 -3.57 -10.28 7.43
N GLY A 20 -2.84 -10.36 6.33
CA GLY A 20 -3.40 -10.85 5.08
C GLY A 20 -3.89 -9.77 4.15
N ARG A 21 -3.20 -8.64 4.11
CA ARG A 21 -3.61 -7.54 3.24
C ARG A 21 -2.41 -6.94 2.49
N PRO A 22 -2.48 -6.91 1.16
CA PRO A 22 -1.56 -6.14 0.34
C PRO A 22 -2.08 -4.73 0.10
N PHE A 23 -1.45 -3.77 0.76
CA PHE A 23 -1.83 -2.37 0.62
C PHE A 23 -1.06 -1.72 -0.51
N PHE A 24 -1.76 -0.92 -1.29
CA PHE A 24 -1.17 -0.29 -2.46
C PHE A 24 -0.65 1.09 -2.10
N ILE A 25 0.65 1.20 -2.01
CA ILE A 25 1.29 2.46 -1.72
C ILE A 25 1.60 3.17 -3.01
N ASP A 26 0.84 4.18 -3.35
CA ASP A 26 1.20 4.93 -4.52
C ASP A 26 2.11 6.05 -4.16
N HIS A 27 3.22 5.95 -4.80
CA HIS A 27 4.38 6.74 -4.48
C HIS A 27 4.30 8.14 -5.06
N ASN A 28 3.31 8.37 -5.93
CA ASN A 28 3.10 9.69 -6.49
C ASN A 28 2.41 10.59 -5.46
N THR A 29 1.32 10.09 -4.88
CA THR A 29 0.63 10.81 -3.82
C THR A 29 1.34 10.61 -2.48
N LYS A 30 2.30 9.69 -2.46
CA LYS A 30 3.04 9.28 -1.26
C LYS A 30 2.09 8.71 -0.19
N THR A 31 0.92 8.27 -0.61
CA THR A 31 -0.06 7.72 0.30
C THR A 31 -0.50 6.33 -0.15
N THR A 32 -0.87 5.49 0.80
CA THR A 32 -1.29 4.14 0.50
C THR A 32 -2.81 4.03 0.58
N THR A 33 -3.39 3.33 -0.40
CA THR A 33 -4.83 3.13 -0.43
C THR A 33 -5.21 1.75 0.09
N TRP A 34 -6.31 1.72 0.81
CA TRP A 34 -6.83 0.50 1.39
C TRP A 34 -7.95 -0.04 0.50
N GLU A 35 -8.24 0.67 -0.58
CA GLU A 35 -9.24 0.24 -1.54
C GLU A 35 -8.62 -0.02 -2.88
N ASP A 36 -8.93 -1.20 -3.37
CA ASP A 36 -8.39 -1.70 -4.62
C ASP A 36 -8.93 -0.91 -5.81
N PRO A 37 -8.05 -0.17 -6.50
CA PRO A 37 -8.44 0.65 -7.64
C PRO A 37 -8.81 -0.20 -8.85
N ARG A 38 -7.80 -0.70 -9.55
CA ARG A 38 -7.98 -1.53 -10.73
C ARG A 38 -6.64 -1.82 -11.39
N ARG B 1 -13.25 -5.10 11.77
CA ARG B 1 -12.64 -4.23 10.74
C ARG B 1 -11.16 -4.04 11.05
N LEU B 2 -10.30 -4.46 10.13
CA LEU B 2 -8.87 -4.32 10.31
C LEU B 2 -8.45 -2.89 10.01
N ASP B 3 -7.79 -2.25 10.97
CA ASP B 3 -7.48 -0.84 10.87
C ASP B 3 -6.36 -0.59 9.88
N LEU B 4 -6.51 0.47 9.08
CA LEU B 4 -5.52 0.83 8.08
C LEU B 4 -4.54 1.83 8.70
N PRO B 5 -3.24 1.47 8.74
CA PRO B 5 -2.21 2.27 9.40
C PRO B 5 -1.81 3.50 8.59
N PRO B 6 -1.67 4.66 9.27
CA PRO B 6 -1.14 5.87 8.65
C PRO B 6 0.22 5.62 8.04
N TYR B 7 0.44 6.11 6.82
CA TYR B 7 1.64 5.76 6.08
C TYR B 7 2.91 6.26 6.75
N GLU B 8 3.76 5.32 7.11
CA GLU B 8 5.13 5.60 7.50
C GLU B 8 5.99 5.07 6.37
N THR B 9 7.29 5.18 6.46
CA THR B 9 8.09 4.54 5.46
C THR B 9 8.44 3.12 5.88
N PHE B 10 7.99 2.20 5.08
CA PHE B 10 8.26 0.79 5.25
C PHE B 10 9.53 0.46 4.45
N GLU B 11 9.93 -0.80 4.46
CA GLU B 11 11.19 -1.24 3.83
C GLU B 11 11.33 -0.68 2.42
N ASP B 12 12.57 -0.29 2.09
CA ASP B 12 12.89 0.31 0.79
C ASP B 12 12.33 -0.48 -0.38
N LEU B 13 11.56 0.20 -1.21
CA LEU B 13 10.91 -0.41 -2.36
C LEU B 13 11.93 -0.75 -3.44
N PHE A 7 2.84 -4.29 -14.24
CA PHE A 7 2.18 -4.29 -12.92
C PHE A 7 1.41 -2.99 -12.69
N LEU A 8 0.84 -2.91 -11.49
CA LEU A 8 0.12 -1.72 -11.03
C LEU A 8 0.98 -0.46 -11.20
N PRO A 9 0.35 0.65 -11.64
CA PRO A 9 0.99 1.93 -11.98
C PRO A 9 2.26 2.26 -11.19
N PRO A 10 3.27 2.81 -11.89
CA PRO A 10 4.54 3.20 -11.29
C PRO A 10 4.35 4.04 -10.02
N GLY A 11 4.85 3.53 -8.92
CA GLY A 11 4.67 4.18 -7.65
C GLY A 11 3.73 3.42 -6.76
N TRP A 12 2.97 2.52 -7.36
CA TRP A 12 2.05 1.68 -6.62
C TRP A 12 2.77 0.41 -6.20
N GLU A 13 3.00 0.28 -4.91
CA GLU A 13 3.69 -0.86 -4.36
C GLU A 13 2.68 -1.78 -3.70
N MET A 14 2.91 -3.07 -3.80
CA MET A 14 1.97 -4.06 -3.32
C MET A 14 2.69 -5.03 -2.37
N ARG A 15 2.55 -4.81 -1.07
CA ARG A 15 3.26 -5.62 -0.08
C ARG A 15 2.38 -5.86 1.13
N ILE A 16 2.59 -7.00 1.79
CA ILE A 16 1.69 -7.46 2.83
C ILE A 16 2.11 -6.96 4.23
N ALA A 17 1.13 -6.71 5.08
CA ALA A 17 1.37 -6.43 6.48
C ALA A 17 1.36 -7.74 7.26
N PRO A 18 2.11 -7.84 8.37
CA PRO A 18 2.26 -9.10 9.14
C PRO A 18 0.93 -9.71 9.59
N ASN A 19 -0.15 -8.97 9.45
CA ASN A 19 -1.48 -9.45 9.82
C ASN A 19 -2.15 -10.18 8.63
N GLY A 20 -1.47 -10.21 7.49
CA GLY A 20 -2.06 -10.80 6.30
C GLY A 20 -2.80 -9.76 5.50
N ARG A 21 -2.26 -8.55 5.48
CA ARG A 21 -2.93 -7.42 4.83
C ARG A 21 -2.14 -6.94 3.62
N PRO A 22 -2.62 -7.19 2.40
CA PRO A 22 -1.95 -6.71 1.21
C PRO A 22 -2.44 -5.33 0.81
N PHE A 23 -1.59 -4.32 0.98
CA PHE A 23 -1.97 -2.96 0.69
C PHE A 23 -1.24 -2.40 -0.52
N PHE A 24 -1.92 -1.53 -1.24
CA PHE A 24 -1.32 -0.84 -2.37
C PHE A 24 -0.88 0.55 -1.93
N ILE A 25 0.40 0.70 -1.67
CA ILE A 25 0.96 1.99 -1.29
C ILE A 25 1.44 2.73 -2.52
N ASP A 26 0.75 3.79 -2.89
CA ASP A 26 1.25 4.60 -3.97
C ASP A 26 2.13 5.68 -3.41
N HIS A 27 3.33 5.71 -3.93
CA HIS A 27 4.40 6.52 -3.39
C HIS A 27 4.29 7.98 -3.85
N ASN A 28 3.40 8.26 -4.78
CA ASN A 28 3.29 9.62 -5.31
C ASN A 28 2.49 10.48 -4.35
N THR A 29 1.33 9.97 -3.98
CA THR A 29 0.52 10.62 -2.98
C THR A 29 1.00 10.29 -1.57
N LYS A 30 1.71 9.15 -1.45
CA LYS A 30 2.23 8.65 -0.16
C LYS A 30 1.11 8.09 0.69
N THR A 31 0.21 7.35 0.06
CA THR A 31 -0.95 6.81 0.76
C THR A 31 -1.03 5.31 0.62
N THR A 32 -1.60 4.67 1.63
CA THR A 32 -1.78 3.22 1.64
C THR A 32 -3.24 2.90 1.33
N THR A 33 -3.46 2.09 0.31
CA THR A 33 -4.80 1.86 -0.18
C THR A 33 -5.22 0.39 -0.01
N TRP A 34 -6.37 0.17 0.62
CA TRP A 34 -6.96 -1.16 0.73
C TRP A 34 -7.79 -1.47 -0.50
N GLU A 35 -8.24 -0.41 -1.16
CA GLU A 35 -9.10 -0.54 -2.32
C GLU A 35 -8.28 -0.72 -3.58
N ASP A 36 -8.72 -1.65 -4.40
CA ASP A 36 -8.02 -1.95 -5.60
C ASP A 36 -8.23 -0.86 -6.64
N PRO A 37 -7.14 -0.25 -7.13
CA PRO A 37 -7.21 0.84 -8.09
C PRO A 37 -7.55 0.37 -9.50
N ARG A 38 -7.47 -0.94 -9.71
CA ARG A 38 -7.82 -1.57 -10.98
C ARG A 38 -7.86 -3.08 -10.82
N ARG B 1 -14.56 -4.02 10.03
CA ARG B 1 -13.99 -2.67 9.79
C ARG B 1 -12.59 -2.78 9.20
N LEU B 2 -12.33 -1.99 8.17
CA LEU B 2 -11.00 -1.94 7.58
C LEU B 2 -10.25 -0.72 8.13
N ASP B 3 -9.14 -0.96 8.79
CA ASP B 3 -8.36 0.12 9.38
C ASP B 3 -7.08 0.36 8.59
N LEU B 4 -6.81 1.62 8.30
CA LEU B 4 -5.64 1.98 7.53
C LEU B 4 -4.59 2.59 8.45
N PRO B 5 -3.41 1.98 8.54
CA PRO B 5 -2.31 2.48 9.37
C PRO B 5 -1.58 3.65 8.70
N PRO B 6 -1.30 4.71 9.47
CA PRO B 6 -0.53 5.86 8.97
C PRO B 6 0.76 5.41 8.29
N TYR B 7 0.90 5.80 7.02
CA TYR B 7 1.96 5.27 6.17
C TYR B 7 3.35 5.62 6.68
N GLU B 8 4.13 4.58 6.97
CA GLU B 8 5.56 4.69 7.15
C GLU B 8 6.21 4.01 5.97
N THR B 9 7.34 4.51 5.49
CA THR B 9 7.96 3.89 4.32
C THR B 9 8.68 2.60 4.69
N PHE B 10 8.23 1.53 4.08
CA PHE B 10 8.86 0.22 4.22
C PHE B 10 10.01 0.13 3.21
N GLU B 11 10.71 -1.02 3.18
CA GLU B 11 11.86 -1.24 2.28
C GLU B 11 11.61 -0.85 0.82
N ASP B 12 12.66 -1.03 0.03
CA ASP B 12 12.68 -0.69 -1.39
C ASP B 12 11.46 -1.23 -2.14
N LEU B 13 11.01 -0.47 -3.13
CA LEU B 13 9.84 -0.80 -3.93
C LEU B 13 10.11 -2.08 -4.74
N PHE A 7 -0.18 -5.23 -14.00
CA PHE A 7 -1.33 -5.25 -13.07
C PHE A 7 -1.19 -4.16 -12.01
N LEU A 8 0.04 -3.73 -11.76
CA LEU A 8 0.30 -2.73 -10.74
C LEU A 8 0.76 -1.44 -11.41
N PRO A 9 -0.05 -0.39 -11.31
CA PRO A 9 0.28 0.94 -11.88
C PRO A 9 1.65 1.46 -11.42
N PRO A 10 2.24 2.40 -12.22
CA PRO A 10 3.60 2.93 -12.05
C PRO A 10 4.16 2.89 -10.62
N GLY A 11 3.82 3.89 -9.81
CA GLY A 11 4.36 3.94 -8.46
C GLY A 11 3.44 3.32 -7.45
N TRP A 12 2.60 2.42 -7.89
CA TRP A 12 1.75 1.68 -6.99
C TRP A 12 2.48 0.44 -6.58
N GLU A 13 2.45 0.18 -5.30
CA GLU A 13 3.07 -1.00 -4.77
C GLU A 13 2.11 -1.79 -3.96
N MET A 14 2.38 -3.05 -3.97
CA MET A 14 1.53 -4.04 -3.36
C MET A 14 2.33 -4.81 -2.30
N ARG A 15 2.12 -4.47 -1.04
CA ARG A 15 2.93 -5.03 0.05
C ARG A 15 2.06 -5.66 1.12
N ILE A 16 2.60 -6.69 1.77
CA ILE A 16 1.86 -7.44 2.78
C ILE A 16 2.24 -6.99 4.20
N ALA A 17 1.23 -6.81 5.03
CA ALA A 17 1.41 -6.54 6.45
C ALA A 17 1.45 -7.87 7.21
N PRO A 18 2.18 -7.93 8.34
CA PRO A 18 2.41 -9.18 9.08
C PRO A 18 1.13 -9.86 9.59
N ASN A 19 0.00 -9.20 9.38
CA ASN A 19 -1.29 -9.75 9.78
C ASN A 19 -1.99 -10.39 8.57
N GLY A 20 -1.29 -10.37 7.43
CA GLY A 20 -1.85 -10.93 6.21
C GLY A 20 -2.66 -9.89 5.45
N ARG A 21 -2.23 -8.65 5.53
CA ARG A 21 -2.99 -7.53 4.96
C ARG A 21 -2.22 -6.89 3.82
N PRO A 22 -2.73 -6.98 2.58
CA PRO A 22 -2.07 -6.36 1.42
C PRO A 22 -2.54 -4.91 1.19
N PHE A 23 -1.62 -3.97 1.32
CA PHE A 23 -1.93 -2.57 1.06
C PHE A 23 -1.21 -2.05 -0.17
N PHE A 24 -1.89 -1.16 -0.88
CA PHE A 24 -1.33 -0.54 -2.06
C PHE A 24 -0.84 0.87 -1.73
N ILE A 25 0.45 1.09 -1.88
CA ILE A 25 1.03 2.41 -1.68
C ILE A 25 1.36 3.04 -3.03
N ASP A 26 0.73 4.14 -3.36
CA ASP A 26 1.14 4.89 -4.52
C ASP A 26 2.18 5.90 -4.09
N HIS A 27 3.34 5.78 -4.65
CA HIS A 27 4.48 6.55 -4.21
C HIS A 27 4.49 7.97 -4.76
N ASN A 28 3.61 8.27 -5.70
CA ASN A 28 3.60 9.60 -6.28
C ASN A 28 2.88 10.59 -5.37
N THR A 29 1.67 10.26 -4.92
CA THR A 29 1.02 11.02 -3.84
C THR A 29 1.57 10.56 -2.49
N LYS A 30 2.28 9.43 -2.52
CA LYS A 30 2.88 8.76 -1.34
C LYS A 30 1.82 8.32 -0.34
N THR A 31 0.61 8.04 -0.82
CA THR A 31 -0.45 7.57 0.04
C THR A 31 -0.65 6.06 -0.12
N THR A 32 -1.10 5.42 0.95
CA THR A 32 -1.38 4.00 0.90
C THR A 32 -2.84 3.74 1.26
N THR A 33 -3.42 2.70 0.67
CA THR A 33 -4.82 2.36 0.92
C THR A 33 -5.03 0.86 0.77
N TRP A 34 -5.99 0.32 1.53
CA TRP A 34 -6.41 -1.07 1.35
C TRP A 34 -7.25 -1.21 0.08
N GLU A 35 -7.70 -0.07 -0.43
CA GLU A 35 -8.58 -0.02 -1.59
C GLU A 35 -7.84 -0.29 -2.87
N ASP A 36 -8.44 -1.14 -3.66
CA ASP A 36 -7.91 -1.50 -4.95
C ASP A 36 -8.00 -0.30 -5.90
N PRO A 37 -6.88 0.09 -6.54
CA PRO A 37 -6.83 1.25 -7.43
C PRO A 37 -7.55 1.04 -8.76
N ARG A 38 -8.24 -0.10 -8.91
CA ARG A 38 -8.96 -0.43 -10.12
C ARG A 38 -8.02 -0.53 -11.32
N ARG B 1 -12.15 -5.26 3.97
CA ARG B 1 -10.79 -4.74 4.26
C ARG B 1 -10.80 -3.81 5.45
N LEU B 2 -9.78 -3.95 6.30
CA LEU B 2 -9.68 -3.20 7.55
C LEU B 2 -9.44 -1.71 7.32
N ASP B 3 -9.33 -0.98 8.43
CA ASP B 3 -8.98 0.44 8.38
C ASP B 3 -7.47 0.59 8.25
N LEU B 4 -7.06 1.60 7.49
CA LEU B 4 -5.65 1.82 7.18
C LEU B 4 -4.87 2.36 8.38
N PRO B 5 -3.69 1.79 8.65
CA PRO B 5 -2.77 2.32 9.65
C PRO B 5 -1.94 3.47 9.08
N PRO B 6 -1.61 4.48 9.91
CA PRO B 6 -0.78 5.62 9.50
C PRO B 6 0.51 5.15 8.84
N TYR B 7 0.85 5.76 7.70
CA TYR B 7 1.96 5.27 6.89
C TYR B 7 3.28 5.41 7.64
N GLU B 8 3.90 4.26 7.86
CA GLU B 8 5.24 4.16 8.38
C GLU B 8 6.13 3.68 7.26
N THR B 9 7.36 4.15 7.16
CA THR B 9 8.18 3.68 6.07
C THR B 9 8.66 2.27 6.35
N PHE B 10 8.27 1.39 5.45
CA PHE B 10 8.75 0.02 5.42
C PHE B 10 9.97 0.01 4.50
N GLU B 11 10.58 -1.16 4.28
CA GLU B 11 11.78 -1.27 3.44
C GLU B 11 11.59 -0.54 2.10
N ASP B 12 12.68 -0.04 1.53
CA ASP B 12 12.60 0.66 0.25
C ASP B 12 12.18 -0.30 -0.85
N LEU B 13 11.12 0.08 -1.57
CA LEU B 13 10.59 -0.74 -2.65
C LEU B 13 11.47 -0.62 -3.89
N PHE A 7 -0.09 -5.24 -14.06
CA PHE A 7 0.31 -5.25 -12.64
C PHE A 7 -0.01 -3.90 -11.99
N LEU A 8 0.64 -3.58 -10.89
CA LEU A 8 0.36 -2.32 -10.18
C LEU A 8 1.07 -1.16 -10.88
N PRO A 9 0.37 -0.03 -11.02
CA PRO A 9 0.94 1.25 -11.52
C PRO A 9 2.30 1.58 -10.89
N PRO A 10 3.14 2.34 -11.62
CA PRO A 10 4.54 2.63 -11.23
C PRO A 10 4.73 3.10 -9.79
N GLY A 11 3.82 3.93 -9.28
CA GLY A 11 3.97 4.43 -7.92
C GLY A 11 3.21 3.61 -6.92
N TRP A 12 2.46 2.65 -7.41
CA TRP A 12 1.67 1.80 -6.55
C TRP A 12 2.43 0.54 -6.23
N GLU A 13 2.66 0.33 -4.95
CA GLU A 13 3.42 -0.81 -4.48
C GLU A 13 2.51 -1.74 -3.67
N MET A 14 2.65 -3.02 -3.88
CA MET A 14 1.72 -3.99 -3.30
C MET A 14 2.46 -4.91 -2.34
N ARG A 15 2.28 -4.64 -1.05
CA ARG A 15 3.05 -5.32 -0.01
C ARG A 15 2.17 -5.65 1.19
N ILE A 16 2.48 -6.70 1.91
CA ILE A 16 1.70 -7.08 3.06
C ILE A 16 2.33 -6.55 4.35
N ALA A 17 1.49 -6.27 5.33
CA ALA A 17 1.92 -5.94 6.67
C ALA A 17 2.02 -7.24 7.45
N PRO A 18 2.92 -7.32 8.46
CA PRO A 18 3.28 -8.58 9.17
C PRO A 18 2.11 -9.47 9.64
N ASN A 19 0.87 -9.03 9.44
CA ASN A 19 -0.29 -9.87 9.70
C ASN A 19 -0.63 -10.70 8.47
N GLY A 20 0.12 -10.46 7.40
CA GLY A 20 -0.18 -11.06 6.11
C GLY A 20 -1.29 -10.33 5.39
N ARG A 21 -1.48 -9.06 5.74
CA ARG A 21 -2.49 -8.23 5.10
C ARG A 21 -1.87 -7.40 4.00
N PRO A 22 -2.37 -7.53 2.76
CA PRO A 22 -1.80 -6.85 1.60
C PRO A 22 -2.41 -5.48 1.36
N PHE A 23 -1.56 -4.47 1.26
CA PHE A 23 -2.03 -3.12 1.02
C PHE A 23 -1.32 -2.47 -0.17
N PHE A 24 -2.02 -1.58 -0.83
CA PHE A 24 -1.47 -0.85 -1.97
C PHE A 24 -0.99 0.53 -1.53
N ILE A 25 0.32 0.68 -1.45
CA ILE A 25 0.91 1.95 -1.10
C ILE A 25 1.23 2.74 -2.35
N ASP A 26 0.52 3.83 -2.57
CA ASP A 26 0.88 4.70 -3.67
C ASP A 26 1.86 5.72 -3.19
N HIS A 27 2.97 5.73 -3.85
CA HIS A 27 4.07 6.58 -3.47
C HIS A 27 3.89 8.01 -3.96
N ASN A 28 2.96 8.23 -4.88
CA ASN A 28 2.86 9.52 -5.54
C ASN A 28 2.12 10.57 -4.70
N THR A 29 0.93 10.24 -4.20
CA THR A 29 0.31 11.05 -3.16
C THR A 29 0.87 10.69 -1.78
N LYS A 30 1.46 9.49 -1.70
CA LYS A 30 2.04 8.96 -0.46
C LYS A 30 0.93 8.48 0.47
N THR A 31 0.03 7.68 -0.07
CA THR A 31 -1.12 7.18 0.68
C THR A 31 -1.24 5.66 0.52
N THR A 32 -1.71 4.98 1.56
CA THR A 32 -1.86 3.54 1.51
C THR A 32 -3.33 3.15 1.51
N THR A 33 -3.72 2.26 0.59
CA THR A 33 -5.11 1.87 0.43
C THR A 33 -5.29 0.36 0.52
N TRP A 34 -6.45 -0.07 0.99
CA TRP A 34 -6.79 -1.49 1.02
C TRP A 34 -7.50 -1.91 -0.27
N GLU A 35 -8.24 -0.96 -0.85
CA GLU A 35 -9.11 -1.25 -1.97
C GLU A 35 -8.42 -1.08 -3.29
N ASP A 36 -8.70 -2.03 -4.16
CA ASP A 36 -8.11 -2.05 -5.48
C ASP A 36 -8.64 -0.89 -6.31
N PRO A 37 -7.75 0.04 -6.70
CA PRO A 37 -8.13 1.21 -7.48
C PRO A 37 -8.45 0.84 -8.92
N ARG A 38 -7.38 0.65 -9.71
CA ARG A 38 -7.50 0.33 -11.14
C ARG A 38 -8.35 1.38 -11.87
N ARG B 1 -12.14 -2.62 3.07
CA ARG B 1 -11.58 -2.69 4.43
C ARG B 1 -11.53 -1.29 5.03
N LEU B 2 -11.78 -1.20 6.34
CA LEU B 2 -11.74 0.06 7.07
C LEU B 2 -10.32 0.68 7.03
N ASP B 3 -10.17 1.84 7.66
CA ASP B 3 -8.95 2.65 7.57
C ASP B 3 -7.68 1.84 7.81
N LEU B 4 -6.65 2.19 7.06
CA LEU B 4 -5.37 1.51 7.09
C LEU B 4 -4.45 2.20 8.10
N PRO B 5 -3.56 1.45 8.78
CA PRO B 5 -2.61 2.02 9.75
C PRO B 5 -1.74 3.11 9.14
N PRO B 6 -1.31 4.10 9.94
CA PRO B 6 -0.40 5.16 9.48
C PRO B 6 0.81 4.56 8.77
N TYR B 7 1.13 5.12 7.60
CA TYR B 7 2.16 4.53 6.75
C TYR B 7 3.53 4.59 7.41
N GLU B 8 4.09 3.41 7.62
CA GLU B 8 5.47 3.25 8.07
C GLU B 8 6.26 2.70 6.89
N THR B 9 7.39 3.30 6.57
CA THR B 9 8.08 2.91 5.36
C THR B 9 8.79 1.57 5.51
N PHE B 10 8.37 0.65 4.67
CA PHE B 10 8.99 -0.66 4.52
C PHE B 10 10.10 -0.53 3.46
N GLU B 11 10.79 -1.62 3.15
CA GLU B 11 11.90 -1.62 2.19
C GLU B 11 11.55 -0.91 0.87
N ASP B 12 12.56 -0.68 0.05
CA ASP B 12 12.43 0.05 -1.21
C ASP B 12 11.36 -0.57 -2.11
N LEU B 13 10.76 0.29 -2.95
CA LEU B 13 9.67 -0.11 -3.86
C LEU B 13 10.03 -1.37 -4.65
N PHE A 7 3.28 -5.13 -14.08
CA PHE A 7 2.25 -5.43 -13.07
C PHE A 7 1.31 -4.24 -12.91
N LEU A 8 1.46 -3.50 -11.82
CA LEU A 8 0.67 -2.30 -11.59
C LEU A 8 1.58 -1.08 -11.69
N PRO A 9 1.01 0.13 -11.90
CA PRO A 9 1.76 1.39 -12.01
C PRO A 9 2.99 1.47 -11.09
N PRO A 10 4.12 1.99 -11.60
CA PRO A 10 5.40 2.00 -10.89
C PRO A 10 5.39 2.81 -9.59
N GLY A 11 4.33 3.57 -9.36
CA GLY A 11 4.21 4.29 -8.10
C GLY A 11 3.26 3.60 -7.16
N TRP A 12 2.53 2.61 -7.68
CA TRP A 12 1.61 1.84 -6.88
C TRP A 12 2.30 0.62 -6.32
N GLU A 13 2.57 0.66 -5.03
CA GLU A 13 3.25 -0.43 -4.38
C GLU A 13 2.30 -1.31 -3.64
N MET A 14 2.73 -2.53 -3.57
CA MET A 14 1.92 -3.59 -2.99
C MET A 14 2.73 -4.38 -1.97
N ARG A 15 2.37 -4.21 -0.70
CA ARG A 15 3.05 -4.89 0.40
C ARG A 15 2.02 -5.45 1.37
N ILE A 16 2.32 -6.57 1.98
CA ILE A 16 1.36 -7.27 2.82
C ILE A 16 1.68 -7.12 4.31
N ALA A 17 0.63 -7.14 5.11
CA ALA A 17 0.75 -7.16 6.56
C ALA A 17 0.82 -8.61 7.05
N PRO A 18 1.52 -8.86 8.18
CA PRO A 18 1.77 -10.23 8.68
C PRO A 18 0.51 -11.06 8.96
N ASN A 19 -0.65 -10.46 8.81
CA ASN A 19 -1.92 -11.18 8.96
C ASN A 19 -2.57 -11.41 7.60
N GLY A 20 -1.82 -11.12 6.54
CA GLY A 20 -2.27 -11.42 5.20
C GLY A 20 -3.04 -10.28 4.55
N ARG A 21 -2.64 -9.05 4.82
CA ARG A 21 -3.35 -7.89 4.28
C ARG A 21 -2.48 -7.12 3.31
N PRO A 22 -2.84 -7.08 2.02
CA PRO A 22 -2.09 -6.33 1.02
C PRO A 22 -2.58 -4.89 0.88
N PHE A 23 -1.70 -3.93 1.13
CA PHE A 23 -2.04 -2.53 0.96
C PHE A 23 -1.31 -1.94 -0.25
N PHE A 24 -2.00 -1.08 -0.97
CA PHE A 24 -1.42 -0.41 -2.12
C PHE A 24 -1.07 1.03 -1.75
N ILE A 25 0.19 1.38 -1.87
CA ILE A 25 0.62 2.74 -1.62
C ILE A 25 1.02 3.41 -2.92
N ASP A 26 0.31 4.44 -3.30
CA ASP A 26 0.70 5.19 -4.46
C ASP A 26 1.64 6.30 -4.01
N HIS A 27 2.83 6.27 -4.55
CA HIS A 27 3.91 7.10 -4.07
C HIS A 27 3.75 8.56 -4.48
N ASN A 28 2.80 8.84 -5.36
CA ASN A 28 2.57 10.20 -5.81
C ASN A 28 1.80 10.99 -4.76
N THR A 29 0.68 10.46 -4.26
CA THR A 29 0.00 11.11 -3.13
C THR A 29 0.68 10.73 -1.82
N LYS A 30 1.38 9.59 -1.83
CA LYS A 30 2.03 9.02 -0.64
C LYS A 30 0.94 8.59 0.36
N THR A 31 -0.02 7.84 -0.13
CA THR A 31 -1.13 7.38 0.69
C THR A 31 -1.28 5.87 0.60
N THR A 32 -1.47 5.23 1.74
CA THR A 32 -1.73 3.80 1.80
C THR A 32 -3.22 3.55 1.72
N THR A 33 -3.62 2.57 0.93
CA THR A 33 -5.03 2.24 0.85
C THR A 33 -5.25 0.73 0.81
N TRP A 34 -6.39 0.30 1.34
CA TRP A 34 -6.79 -1.10 1.28
C TRP A 34 -7.71 -1.33 0.10
N GLU A 35 -8.07 -0.25 -0.58
CA GLU A 35 -9.04 -0.32 -1.66
C GLU A 35 -8.41 -0.77 -2.94
N ASP A 36 -9.14 -1.63 -3.62
CA ASP A 36 -8.66 -2.26 -4.82
C ASP A 36 -9.01 -1.42 -6.04
N PRO A 37 -8.02 -0.81 -6.68
CA PRO A 37 -8.24 0.04 -7.86
C PRO A 37 -8.41 -0.78 -9.14
N ARG A 38 -7.42 -1.62 -9.44
CA ARG A 38 -7.43 -2.43 -10.64
C ARG A 38 -6.50 -3.63 -10.46
N ARG B 1 -14.44 -2.63 8.60
CA ARG B 1 -13.54 -1.65 7.96
C ARG B 1 -12.09 -1.94 8.35
N LEU B 2 -11.26 -2.20 7.35
CA LEU B 2 -9.84 -2.40 7.57
C LEU B 2 -9.19 -1.09 7.95
N ASP B 3 -8.56 -1.05 9.11
CA ASP B 3 -7.91 0.15 9.62
C ASP B 3 -6.63 0.42 8.84
N LEU B 4 -6.43 1.67 8.45
CA LEU B 4 -5.29 2.03 7.62
C LEU B 4 -4.18 2.60 8.51
N PRO B 5 -3.00 1.95 8.51
CA PRO B 5 -1.86 2.41 9.31
C PRO B 5 -1.11 3.57 8.65
N PRO B 6 -0.83 4.63 9.42
CA PRO B 6 -0.04 5.78 8.95
C PRO B 6 1.26 5.31 8.32
N TYR B 7 1.60 5.85 7.17
CA TYR B 7 2.70 5.32 6.39
C TYR B 7 4.04 5.77 6.93
N GLU B 8 4.83 4.80 7.35
CA GLU B 8 6.24 4.97 7.63
C GLU B 8 6.99 4.26 6.53
N THR B 9 7.94 4.92 5.88
CA THR B 9 8.58 4.31 4.74
C THR B 9 9.21 2.97 5.11
N PHE B 10 8.73 1.96 4.42
CA PHE B 10 9.15 0.58 4.60
C PHE B 10 10.30 0.30 3.63
N GLU B 11 10.80 -0.94 3.62
CA GLU B 11 11.95 -1.33 2.80
C GLU B 11 11.84 -0.89 1.33
N ASP B 12 12.96 -0.98 0.62
CA ASP B 12 13.06 -0.53 -0.76
C ASP B 12 11.99 -1.18 -1.66
N LEU B 13 11.15 -0.33 -2.24
CA LEU B 13 10.10 -0.79 -3.14
C LEU B 13 10.62 -0.87 -4.57
N PHE A 7 0.54 -5.85 -13.38
CA PHE A 7 0.79 -5.51 -11.96
C PHE A 7 0.34 -4.09 -11.67
N LEU A 8 0.62 -3.62 -10.46
CA LEU A 8 0.30 -2.26 -10.05
C LEU A 8 1.11 -1.22 -10.84
N PRO A 9 0.51 -0.03 -11.07
CA PRO A 9 1.17 1.14 -11.67
C PRO A 9 2.58 1.42 -11.10
N PRO A 10 3.41 2.18 -11.84
CA PRO A 10 4.85 2.38 -11.51
C PRO A 10 5.13 2.98 -10.13
N GLY A 11 4.14 3.61 -9.51
CA GLY A 11 4.34 4.12 -8.15
C GLY A 11 3.34 3.53 -7.20
N TRP A 12 2.55 2.60 -7.71
CA TRP A 12 1.65 1.83 -6.88
C TRP A 12 2.33 0.55 -6.52
N GLU A 13 2.67 0.41 -5.27
CA GLU A 13 3.52 -0.67 -4.82
C GLU A 13 2.79 -1.49 -3.78
N MET A 14 2.64 -2.77 -4.05
CA MET A 14 1.78 -3.64 -3.23
C MET A 14 2.62 -4.51 -2.31
N ARG A 15 2.29 -4.49 -1.02
CA ARG A 15 3.00 -5.31 -0.03
C ARG A 15 2.04 -5.77 1.05
N ILE A 16 2.32 -6.92 1.63
CA ILE A 16 1.47 -7.47 2.67
C ILE A 16 2.18 -7.44 4.02
N ALA A 17 1.42 -7.08 5.05
CA ALA A 17 1.92 -7.05 6.41
C ALA A 17 1.70 -8.41 7.06
N PRO A 18 2.57 -8.79 8.01
CA PRO A 18 2.47 -10.07 8.74
C PRO A 18 1.13 -10.25 9.47
N ASN A 19 0.32 -9.20 9.47
CA ASN A 19 -1.03 -9.26 10.01
C ASN A 19 -1.97 -9.98 9.04
N GLY A 20 -1.49 -10.20 7.82
CA GLY A 20 -2.29 -10.84 6.80
C GLY A 20 -3.05 -9.83 5.97
N ARG A 21 -2.43 -8.68 5.72
CA ARG A 21 -3.09 -7.61 5.00
C ARG A 21 -2.21 -7.04 3.89
N PRO A 22 -2.64 -7.17 2.62
CA PRO A 22 -1.96 -6.54 1.49
C PRO A 22 -2.52 -5.16 1.20
N PHE A 23 -1.68 -4.15 1.38
CA PHE A 23 -2.08 -2.77 1.17
C PHE A 23 -1.31 -2.16 0.00
N PHE A 24 -2.01 -1.36 -0.79
CA PHE A 24 -1.40 -0.72 -1.95
C PHE A 24 -0.82 0.63 -1.54
N ILE A 25 0.48 0.78 -1.74
CA ILE A 25 1.17 2.02 -1.41
C ILE A 25 1.38 2.84 -2.66
N ASP A 26 0.64 3.91 -2.84
CA ASP A 26 0.98 4.82 -3.90
C ASP A 26 1.94 5.85 -3.33
N HIS A 27 3.12 5.86 -3.89
CA HIS A 27 4.21 6.65 -3.34
C HIS A 27 4.10 8.12 -3.73
N ASN A 28 3.19 8.43 -4.64
CA ASN A 28 3.04 9.80 -5.12
C ASN A 28 2.24 10.67 -4.15
N THR A 29 1.07 10.22 -3.72
CA THR A 29 0.33 10.97 -2.70
C THR A 29 0.87 10.66 -1.31
N LYS A 30 1.64 9.58 -1.21
CA LYS A 30 2.26 9.16 0.06
C LYS A 30 1.20 8.61 1.01
N THR A 31 0.30 7.78 0.50
CA THR A 31 -0.73 7.20 1.33
C THR A 31 -0.97 5.72 1.01
N THR A 32 -1.37 4.99 2.03
CA THR A 32 -1.75 3.60 1.89
C THR A 32 -3.24 3.48 1.58
N THR A 33 -3.63 2.44 0.86
CA THR A 33 -5.04 2.22 0.56
C THR A 33 -5.34 0.73 0.46
N TRP A 34 -6.58 0.36 0.80
CA TRP A 34 -7.02 -1.02 0.70
C TRP A 34 -7.76 -1.25 -0.61
N GLU A 35 -7.94 -0.17 -1.37
CA GLU A 35 -8.81 -0.23 -2.53
C GLU A 35 -8.06 -0.52 -3.80
N ASP A 36 -8.65 -1.40 -4.59
CA ASP A 36 -8.06 -1.83 -5.82
C ASP A 36 -8.28 -0.78 -6.92
N PRO A 37 -7.20 -0.11 -7.38
CA PRO A 37 -7.31 1.03 -8.29
C PRO A 37 -7.38 0.66 -9.77
N ARG A 38 -6.98 -0.54 -10.13
CA ARG A 38 -6.92 -0.92 -11.53
C ARG A 38 -7.53 -2.30 -11.76
N ARG B 1 -13.79 -2.09 5.01
CA ARG B 1 -12.32 -1.87 5.09
C ARG B 1 -11.90 -1.70 6.55
N LEU B 2 -10.94 -2.49 6.99
CA LEU B 2 -10.47 -2.44 8.37
C LEU B 2 -9.51 -1.26 8.57
N ASP B 3 -9.06 -1.07 9.80
CA ASP B 3 -8.21 0.06 10.15
C ASP B 3 -6.90 0.07 9.35
N LEU B 4 -6.71 1.15 8.61
CA LEU B 4 -5.52 1.35 7.80
C LEU B 4 -4.39 1.93 8.65
N PRO B 5 -3.21 1.29 8.65
CA PRO B 5 -2.05 1.83 9.35
C PRO B 5 -1.53 3.09 8.68
N PRO B 6 -1.29 4.15 9.47
CA PRO B 6 -0.69 5.39 8.97
C PRO B 6 0.60 5.09 8.21
N TYR B 7 0.77 5.71 7.06
CA TYR B 7 1.87 5.34 6.17
C TYR B 7 3.21 5.51 6.85
N GLU B 8 3.91 4.40 6.95
CA GLU B 8 5.31 4.36 7.31
C GLU B 8 6.08 3.97 6.07
N THR B 9 7.29 4.45 5.88
CA THR B 9 8.02 4.01 4.71
C THR B 9 8.82 2.75 5.02
N PHE B 10 8.47 1.74 4.28
CA PHE B 10 9.11 0.43 4.31
C PHE B 10 10.04 0.36 3.09
N GLU B 11 10.72 -0.76 2.89
CA GLU B 11 11.69 -0.90 1.79
C GLU B 11 11.11 -0.43 0.45
N ASP B 12 11.94 0.24 -0.33
CA ASP B 12 11.54 0.73 -1.65
C ASP B 12 11.37 -0.43 -2.62
N LEU B 13 10.28 -0.43 -3.38
CA LEU B 13 9.98 -1.52 -4.29
C LEU B 13 10.69 -1.33 -5.63
N PHE A 7 4.11 -4.62 -12.46
CA PHE A 7 2.78 -5.25 -12.56
C PHE A 7 1.71 -4.31 -12.02
N LEU A 8 2.13 -3.39 -11.15
CA LEU A 8 1.27 -2.35 -10.64
C LEU A 8 1.74 -1.02 -11.22
N PRO A 9 0.84 -0.02 -11.33
CA PRO A 9 1.19 1.32 -11.87
C PRO A 9 2.53 1.88 -11.34
N PRO A 10 3.14 2.83 -12.09
CA PRO A 10 4.52 3.30 -11.87
C PRO A 10 4.83 3.85 -10.46
N GLY A 11 3.79 4.12 -9.68
CA GLY A 11 3.99 4.53 -8.30
C GLY A 11 3.11 3.77 -7.36
N TRP A 12 2.44 2.77 -7.88
CA TRP A 12 1.62 1.90 -7.06
C TRP A 12 2.41 0.65 -6.75
N GLU A 13 2.65 0.44 -5.48
CA GLU A 13 3.50 -0.63 -5.03
C GLU A 13 2.84 -1.37 -3.88
N MET A 14 2.58 -2.64 -4.08
CA MET A 14 1.75 -3.39 -3.15
C MET A 14 2.57 -4.34 -2.28
N ARG A 15 2.30 -4.31 -0.98
CA ARG A 15 3.04 -5.12 -0.03
C ARG A 15 2.15 -5.48 1.16
N ILE A 16 2.42 -6.63 1.78
CA ILE A 16 1.52 -7.15 2.79
C ILE A 16 2.06 -6.97 4.19
N ALA A 17 1.15 -6.82 5.15
CA ALA A 17 1.50 -6.76 6.56
C ALA A 17 1.51 -8.16 7.14
N PRO A 18 2.34 -8.42 8.16
CA PRO A 18 2.51 -9.76 8.75
C PRO A 18 1.19 -10.37 9.24
N ASN A 19 0.19 -9.54 9.45
CA ASN A 19 -1.12 -10.01 9.88
C ASN A 19 -1.95 -10.46 8.68
N GLY A 20 -1.35 -10.42 7.50
CA GLY A 20 -2.05 -10.81 6.29
C GLY A 20 -2.84 -9.66 5.71
N ARG A 21 -2.29 -8.46 5.82
CA ARG A 21 -2.99 -7.26 5.37
C ARG A 21 -2.32 -6.69 4.13
N PRO A 22 -2.95 -6.83 2.95
CA PRO A 22 -2.41 -6.31 1.71
C PRO A 22 -2.85 -4.88 1.43
N PHE A 23 -1.91 -3.95 1.45
CA PHE A 23 -2.22 -2.55 1.18
C PHE A 23 -1.39 -2.05 0.00
N PHE A 24 -2.00 -1.18 -0.80
CA PHE A 24 -1.32 -0.60 -1.95
C PHE A 24 -0.72 0.74 -1.59
N ILE A 25 0.58 0.84 -1.75
CA ILE A 25 1.30 2.08 -1.52
C ILE A 25 1.36 2.89 -2.79
N ASP A 26 0.62 3.97 -2.87
CA ASP A 26 0.84 4.88 -3.96
C ASP A 26 1.85 5.91 -3.54
N HIS A 27 2.90 5.96 -4.29
CA HIS A 27 4.04 6.78 -3.94
C HIS A 27 3.86 8.25 -4.33
N ASN A 28 2.97 8.54 -5.27
CA ASN A 28 2.85 9.92 -5.74
C ASN A 28 2.01 10.78 -4.79
N THR A 29 0.82 10.34 -4.42
CA THR A 29 0.05 11.04 -3.40
C THR A 29 0.52 10.66 -1.99
N LYS A 30 1.24 9.54 -1.90
CA LYS A 30 1.89 9.11 -0.67
C LYS A 30 0.86 8.66 0.37
N THR A 31 -0.04 7.78 -0.07
CA THR A 31 -1.07 7.24 0.81
C THR A 31 -1.36 5.78 0.47
N THR A 32 -1.75 5.02 1.48
CA THR A 32 -2.04 3.61 1.30
C THR A 32 -3.54 3.37 1.13
N THR A 33 -3.90 2.47 0.22
CA THR A 33 -5.29 2.14 -0.01
C THR A 33 -5.52 0.65 0.18
N TRP A 34 -6.64 0.30 0.82
CA TRP A 34 -7.06 -1.09 0.91
C TRP A 34 -7.79 -1.51 -0.36
N GLU A 35 -8.20 -0.52 -1.14
CA GLU A 35 -8.97 -0.77 -2.34
C GLU A 35 -8.10 -0.84 -3.56
N ASP A 36 -8.44 -1.82 -4.39
CA ASP A 36 -7.69 -2.06 -5.60
C ASP A 36 -7.99 -0.97 -6.61
N PRO A 37 -6.96 -0.33 -7.18
CA PRO A 37 -7.12 0.86 -8.03
C PRO A 37 -7.74 0.60 -9.40
N ARG A 38 -8.06 -0.65 -9.70
CA ARG A 38 -8.73 -0.95 -10.97
C ARG A 38 -10.07 -1.64 -10.71
N ARG B 1 -14.44 -3.39 9.63
CA ARG B 1 -13.98 -2.31 8.73
C ARG B 1 -12.47 -2.26 8.68
N LEU B 2 -11.91 -2.17 7.47
CA LEU B 2 -10.47 -2.16 7.28
C LEU B 2 -9.86 -0.91 7.91
N ASP B 3 -8.94 -1.13 8.84
CA ASP B 3 -8.28 -0.04 9.54
C ASP B 3 -6.96 0.28 8.85
N LEU B 4 -6.80 1.53 8.44
CA LEU B 4 -5.65 1.94 7.65
C LEU B 4 -4.51 2.39 8.57
N PRO B 5 -3.35 1.71 8.50
CA PRO B 5 -2.18 2.07 9.30
C PRO B 5 -1.42 3.27 8.73
N PRO B 6 -0.99 4.21 9.59
CA PRO B 6 -0.19 5.35 9.18
C PRO B 6 1.09 4.90 8.46
N TYR B 7 1.27 5.37 7.23
CA TYR B 7 2.32 4.85 6.37
C TYR B 7 3.69 5.32 6.83
N GLU B 8 4.53 4.35 7.17
CA GLU B 8 5.96 4.57 7.35
C GLU B 8 6.68 3.88 6.19
N THR B 9 8.00 3.93 6.14
CA THR B 9 8.67 3.27 5.05
C THR B 9 9.12 1.86 5.43
N PHE B 10 8.59 0.92 4.68
CA PHE B 10 8.99 -0.46 4.69
C PHE B 10 10.04 -0.64 3.59
N GLU B 11 10.54 -1.85 3.37
CA GLU B 11 11.63 -2.08 2.42
C GLU B 11 11.37 -1.39 1.07
N ASP B 12 12.36 -0.61 0.64
CA ASP B 12 12.25 0.19 -0.58
C ASP B 12 12.07 -0.70 -1.82
N LEU B 13 11.13 -0.31 -2.67
CA LEU B 13 10.84 -1.07 -3.88
C LEU B 13 11.85 -0.73 -4.97
N PHE A 7 0.73 -5.19 -15.14
CA PHE A 7 -0.61 -5.08 -14.52
C PHE A 7 -0.63 -4.00 -13.44
N LEU A 8 0.48 -3.87 -12.73
CA LEU A 8 0.55 -2.94 -11.62
C LEU A 8 1.46 -1.77 -11.98
N PRO A 9 0.95 -0.53 -11.82
CA PRO A 9 1.74 0.69 -12.04
C PRO A 9 3.06 0.68 -11.29
N PRO A 10 4.11 1.27 -11.86
CA PRO A 10 5.48 1.19 -11.33
C PRO A 10 5.61 1.65 -9.87
N GLY A 11 4.77 2.59 -9.45
CA GLY A 11 4.83 3.07 -8.08
C GLY A 11 3.76 2.48 -7.20
N TRP A 12 2.84 1.71 -7.78
CA TRP A 12 1.84 1.01 -6.99
C TRP A 12 2.39 -0.35 -6.64
N GLU A 13 2.55 -0.56 -5.36
CA GLU A 13 3.23 -1.73 -4.87
C GLU A 13 2.35 -2.52 -3.93
N MET A 14 2.25 -3.81 -4.20
CA MET A 14 1.50 -4.72 -3.35
C MET A 14 2.43 -5.31 -2.31
N ARG A 15 2.32 -4.83 -1.09
CA ARG A 15 3.23 -5.22 -0.02
C ARG A 15 2.42 -5.60 1.21
N ILE A 16 2.95 -6.50 2.01
CA ILE A 16 2.15 -7.21 3.00
C ILE A 16 2.11 -6.47 4.35
N ALA A 17 1.00 -6.66 5.04
CA ALA A 17 0.75 -6.14 6.37
C ALA A 17 1.24 -7.17 7.38
N PRO A 18 1.69 -6.75 8.57
CA PRO A 18 2.24 -7.65 9.59
C PRO A 18 1.31 -8.80 10.01
N ASN A 19 0.15 -8.88 9.39
CA ASN A 19 -0.82 -9.92 9.69
C ASN A 19 -1.05 -10.83 8.47
N GLY A 20 -0.25 -10.63 7.41
CA GLY A 20 -0.35 -11.48 6.23
C GLY A 20 -1.34 -10.96 5.21
N ARG A 21 -1.39 -9.64 5.08
CA ARG A 21 -2.41 -8.98 4.27
C ARG A 21 -1.80 -7.88 3.38
N PRO A 22 -2.02 -7.90 2.06
CA PRO A 22 -1.35 -6.95 1.17
C PRO A 22 -2.10 -5.63 0.96
N PHE A 23 -1.40 -4.51 1.21
CA PHE A 23 -1.95 -3.19 0.94
C PHE A 23 -1.21 -2.54 -0.23
N PHE A 24 -1.92 -1.71 -0.98
CA PHE A 24 -1.36 -1.07 -2.16
C PHE A 24 -0.75 0.27 -1.79
N ILE A 25 0.54 0.38 -2.01
CA ILE A 25 1.26 1.62 -1.74
C ILE A 25 1.59 2.31 -3.04
N ASP A 26 1.03 3.48 -3.26
CA ASP A 26 1.52 4.29 -4.36
C ASP A 26 2.62 5.16 -3.82
N HIS A 27 3.77 5.00 -4.40
CA HIS A 27 4.96 5.63 -3.87
C HIS A 27 5.10 7.10 -4.26
N ASN A 28 4.36 7.55 -5.27
CA ASN A 28 4.53 8.94 -5.69
C ASN A 28 3.73 9.91 -4.78
N THR A 29 2.44 9.66 -4.56
CA THR A 29 1.70 10.44 -3.57
C THR A 29 1.92 9.92 -2.14
N LYS A 30 2.58 8.75 -2.04
CA LYS A 30 2.85 8.05 -0.77
C LYS A 30 1.56 7.79 0.02
N THR A 31 0.57 7.22 -0.66
CA THR A 31 -0.74 6.98 -0.06
C THR A 31 -0.95 5.50 0.29
N THR A 32 -1.64 5.26 1.40
CA THR A 32 -1.97 3.92 1.84
C THR A 32 -3.42 3.58 1.48
N THR A 33 -3.63 2.43 0.87
CA THR A 33 -4.99 1.97 0.60
C THR A 33 -5.06 0.44 0.58
N TRP A 34 -6.17 -0.08 1.10
CA TRP A 34 -6.42 -1.52 1.05
C TRP A 34 -7.28 -1.86 -0.16
N GLU A 35 -7.90 -0.83 -0.71
CA GLU A 35 -8.95 -1.02 -1.70
C GLU A 35 -8.55 -0.42 -3.03
N ASP A 36 -9.16 -0.97 -4.07
CA ASP A 36 -8.85 -0.64 -5.44
C ASP A 36 -8.89 0.87 -5.69
N PRO A 37 -7.76 1.44 -6.18
CA PRO A 37 -7.65 2.86 -6.52
C PRO A 37 -8.73 3.36 -7.48
N ARG A 38 -9.35 2.44 -8.21
CA ARG A 38 -10.43 2.76 -9.13
C ARG A 38 -9.92 3.61 -10.29
N ARG B 1 -14.50 -4.70 9.83
CA ARG B 1 -14.38 -3.45 9.04
C ARG B 1 -13.01 -3.36 8.39
N LEU B 2 -12.84 -2.43 7.48
CA LEU B 2 -11.56 -2.17 6.89
C LEU B 2 -10.85 -1.08 7.69
N ASP B 3 -9.70 -1.40 8.24
CA ASP B 3 -8.95 -0.44 9.04
C ASP B 3 -7.69 -0.02 8.29
N LEU B 4 -7.60 1.26 8.02
CA LEU B 4 -6.49 1.81 7.24
C LEU B 4 -5.43 2.37 8.18
N PRO B 5 -4.17 1.85 8.11
CA PRO B 5 -3.08 2.35 8.91
C PRO B 5 -2.35 3.52 8.23
N PRO B 6 -2.05 4.59 9.00
CA PRO B 6 -1.27 5.72 8.51
C PRO B 6 0.06 5.25 7.93
N TYR B 7 0.48 5.87 6.82
CA TYR B 7 1.69 5.42 6.14
C TYR B 7 2.90 5.54 7.05
N GLU B 8 3.52 4.40 7.30
CA GLU B 8 4.80 4.30 7.97
C GLU B 8 5.80 3.89 6.93
N THR B 9 6.88 4.62 6.76
CA THR B 9 7.75 4.30 5.66
C THR B 9 8.56 3.05 5.94
N PHE B 10 8.34 2.10 5.07
CA PHE B 10 9.08 0.86 4.98
C PHE B 10 10.13 1.05 3.89
N GLU B 11 10.91 0.03 3.60
CA GLU B 11 12.08 0.14 2.72
C GLU B 11 11.78 0.88 1.40
N ASP B 12 12.74 1.67 0.96
CA ASP B 12 12.63 2.42 -0.30
C ASP B 12 12.90 1.50 -1.48
N LEU B 13 12.04 1.59 -2.48
CA LEU B 13 12.18 0.78 -3.69
C LEU B 13 12.88 1.58 -4.79
N PHE A 7 2.99 -5.43 -13.28
CA PHE A 7 1.95 -5.75 -12.28
C PHE A 7 0.93 -4.61 -12.20
N LEU A 8 0.98 -3.84 -11.12
CA LEU A 8 0.14 -2.65 -11.01
C LEU A 8 1.00 -1.42 -11.32
N PRO A 9 0.36 -0.26 -11.64
CA PRO A 9 1.06 0.97 -12.07
C PRO A 9 2.36 1.25 -11.33
N PRO A 10 3.35 1.82 -12.06
CA PRO A 10 4.76 1.96 -11.59
C PRO A 10 4.95 2.62 -10.23
N GLY A 11 4.00 3.41 -9.77
CA GLY A 11 4.14 4.05 -8.46
C GLY A 11 3.24 3.44 -7.43
N TRP A 12 2.44 2.48 -7.86
CA TRP A 12 1.57 1.75 -6.97
C TRP A 12 2.27 0.50 -6.50
N GLU A 13 2.52 0.43 -5.21
CA GLU A 13 3.21 -0.69 -4.63
C GLU A 13 2.22 -1.57 -3.87
N MET A 14 2.48 -2.85 -3.80
CA MET A 14 1.61 -3.76 -3.09
C MET A 14 2.38 -4.40 -1.95
N ARG A 15 2.10 -3.94 -0.73
CA ARG A 15 2.82 -4.43 0.43
C ARG A 15 1.88 -5.16 1.36
N ILE A 16 2.35 -6.25 1.89
CA ILE A 16 1.54 -7.08 2.77
C ILE A 16 1.83 -6.82 4.25
N ALA A 17 0.79 -6.92 5.07
CA ALA A 17 0.94 -6.94 6.51
C ALA A 17 1.12 -8.39 6.95
N PRO A 18 1.84 -8.65 8.05
CA PRO A 18 2.27 -10.02 8.46
C PRO A 18 1.15 -11.06 8.57
N ASN A 19 -0.10 -10.63 8.42
CA ASN A 19 -1.23 -11.55 8.52
C ASN A 19 -1.75 -11.92 7.13
N GLY A 20 -1.04 -11.49 6.09
CA GLY A 20 -1.49 -11.74 4.72
C GLY A 20 -2.36 -10.60 4.23
N ARG A 21 -1.98 -9.39 4.64
CA ARG A 21 -2.81 -8.21 4.45
C ARG A 21 -2.24 -7.30 3.35
N PRO A 22 -2.79 -7.33 2.13
CA PRO A 22 -2.25 -6.57 1.01
C PRO A 22 -2.83 -5.16 0.90
N PHE A 23 -1.95 -4.16 1.01
CA PHE A 23 -2.33 -2.77 0.84
C PHE A 23 -1.51 -2.13 -0.27
N PHE A 24 -2.10 -1.16 -0.95
CA PHE A 24 -1.42 -0.44 -2.01
C PHE A 24 -0.80 0.84 -1.46
N ILE A 25 0.36 1.17 -1.97
CA ILE A 25 1.00 2.42 -1.64
C ILE A 25 1.33 3.16 -2.91
N ASP A 26 0.64 4.25 -3.16
CA ASP A 26 1.00 5.07 -4.30
C ASP A 26 2.01 6.08 -3.84
N HIS A 27 3.17 6.00 -4.44
CA HIS A 27 4.30 6.77 -4.01
C HIS A 27 4.26 8.21 -4.50
N ASN A 28 3.32 8.49 -5.41
CA ASN A 28 3.23 9.84 -5.96
C ASN A 28 2.50 10.80 -5.01
N THR A 29 1.32 10.42 -4.50
CA THR A 29 0.68 11.21 -3.45
C THR A 29 1.29 10.89 -2.10
N LYS A 30 1.92 9.72 -2.02
CA LYS A 30 2.52 9.21 -0.78
C LYS A 30 1.43 8.78 0.20
N THR A 31 0.50 7.98 -0.32
CA THR A 31 -0.62 7.49 0.46
C THR A 31 -0.75 5.96 0.32
N THR A 32 -1.25 5.31 1.35
CA THR A 32 -1.51 3.89 1.28
C THR A 32 -2.99 3.60 1.52
N THR A 33 -3.53 2.65 0.76
CA THR A 33 -4.96 2.36 0.78
C THR A 33 -5.19 0.87 0.47
N TRP A 34 -6.27 0.32 1.02
CA TRP A 34 -6.57 -1.10 0.86
C TRP A 34 -7.18 -1.42 -0.51
N GLU A 35 -8.47 -1.11 -0.66
CA GLU A 35 -9.20 -1.44 -1.88
C GLU A 35 -9.14 -0.32 -2.87
N ASP A 36 -8.36 -0.54 -3.91
CA ASP A 36 -8.09 0.48 -4.87
C ASP A 36 -7.75 -0.10 -6.27
N PRO A 37 -7.27 0.73 -7.27
CA PRO A 37 -6.94 0.34 -8.67
C PRO A 37 -6.30 -1.04 -8.89
N ARG A 38 -5.79 -1.66 -7.83
CA ARG A 38 -5.27 -3.05 -7.84
C ARG A 38 -3.99 -3.22 -8.68
N ARG B 1 -15.20 -0.96 9.88
CA ARG B 1 -14.26 -0.27 8.96
C ARG B 1 -12.89 -0.94 9.04
N LEU B 2 -12.27 -1.15 7.88
CA LEU B 2 -10.95 -1.77 7.81
C LEU B 2 -9.90 -0.83 8.38
N ASP B 3 -9.18 -1.30 9.40
CA ASP B 3 -8.15 -0.49 10.05
C ASP B 3 -7.01 -0.19 9.08
N LEU B 4 -6.78 1.10 8.85
CA LEU B 4 -5.70 1.55 7.99
C LEU B 4 -4.61 2.18 8.85
N PRO B 5 -3.40 1.63 8.79
CA PRO B 5 -2.26 2.19 9.51
C PRO B 5 -1.69 3.42 8.81
N PRO B 6 -1.40 4.49 9.58
CA PRO B 6 -0.74 5.68 9.04
C PRO B 6 0.57 5.28 8.35
N TYR B 7 0.82 5.82 7.16
CA TYR B 7 1.91 5.33 6.33
C TYR B 7 3.24 5.39 7.07
N GLU B 8 3.82 4.22 7.24
CA GLU B 8 5.17 4.06 7.75
C GLU B 8 6.00 3.59 6.58
N THR B 9 7.15 4.19 6.32
CA THR B 9 7.88 3.76 5.14
C THR B 9 8.47 2.38 5.36
N PHE B 10 8.03 1.49 4.50
CA PHE B 10 8.49 0.13 4.41
C PHE B 10 9.56 0.10 3.32
N GLU B 11 10.10 -1.08 3.04
CA GLU B 11 11.25 -1.22 2.14
C GLU B 11 11.05 -0.44 0.83
N ASP B 12 12.00 0.45 0.55
CA ASP B 12 11.92 1.32 -0.61
C ASP B 12 12.16 0.54 -1.89
N LEU B 13 11.37 0.87 -2.89
CA LEU B 13 11.35 0.11 -4.13
C LEU B 13 12.43 0.60 -5.09
N PHE A 7 0.81 -6.15 -13.31
CA PHE A 7 1.68 -5.72 -12.19
C PHE A 7 1.44 -4.25 -11.90
N LEU A 8 1.41 -3.90 -10.63
CA LEU A 8 1.20 -2.52 -10.19
C LEU A 8 2.19 -1.57 -10.84
N PRO A 9 1.69 -0.40 -11.26
CA PRO A 9 2.52 0.73 -11.73
C PRO A 9 3.80 0.90 -10.90
N PRO A 10 4.89 1.41 -11.51
CA PRO A 10 6.19 1.54 -10.84
C PRO A 10 6.17 2.43 -9.58
N GLY A 11 5.05 3.10 -9.34
CA GLY A 11 4.90 3.84 -8.10
C GLY A 11 3.82 3.26 -7.21
N TRP A 12 3.15 2.23 -7.70
CA TRP A 12 2.18 1.52 -6.89
C TRP A 12 2.82 0.25 -6.37
N GLU A 13 2.87 0.12 -5.06
CA GLU A 13 3.51 -1.02 -4.45
C GLU A 13 2.53 -1.77 -3.58
N MET A 14 2.48 -3.07 -3.74
CA MET A 14 1.50 -3.87 -3.01
C MET A 14 2.21 -4.74 -2.00
N ARG A 15 2.05 -4.35 -0.74
CA ARG A 15 2.81 -4.94 0.34
C ARG A 15 1.89 -5.64 1.33
N ILE A 16 2.42 -6.67 1.96
CA ILE A 16 1.61 -7.46 2.88
C ILE A 16 1.69 -6.91 4.31
N ALA A 17 0.53 -6.74 4.91
CA ALA A 17 0.40 -6.32 6.29
C ALA A 17 0.39 -7.57 7.16
N PRO A 18 0.88 -7.49 8.41
CA PRO A 18 1.08 -8.68 9.27
C PRO A 18 -0.18 -9.56 9.43
N ASN A 19 -1.35 -9.02 9.12
CA ASN A 19 -2.59 -9.78 9.24
C ASN A 19 -2.96 -10.47 7.93
N GLY A 20 -2.14 -10.29 6.90
CA GLY A 20 -2.42 -10.88 5.61
C GLY A 20 -3.09 -9.91 4.67
N ARG A 21 -2.77 -8.63 4.82
CA ARG A 21 -3.35 -7.59 3.99
C ARG A 21 -2.39 -7.15 2.91
N PRO A 22 -2.79 -7.23 1.63
CA PRO A 22 -2.04 -6.60 0.56
C PRO A 22 -2.52 -5.17 0.32
N PHE A 23 -1.74 -4.19 0.79
CA PHE A 23 -2.10 -2.79 0.61
C PHE A 23 -1.31 -2.20 -0.54
N PHE A 24 -1.90 -1.22 -1.20
CA PHE A 24 -1.29 -0.62 -2.37
C PHE A 24 -0.89 0.80 -2.05
N ILE A 25 0.40 1.08 -2.10
CA ILE A 25 0.90 2.39 -1.78
C ILE A 25 1.21 3.15 -3.04
N ASP A 26 0.60 4.32 -3.18
CA ASP A 26 0.91 5.17 -4.30
C ASP A 26 2.03 6.10 -3.92
N HIS A 27 3.13 5.85 -4.55
CA HIS A 27 4.38 6.47 -4.18
C HIS A 27 4.54 7.88 -4.73
N ASN A 28 3.78 8.21 -5.79
CA ASN A 28 3.86 9.55 -6.36
C ASN A 28 3.05 10.55 -5.54
N THR A 29 1.80 10.20 -5.27
CA THR A 29 0.94 10.99 -4.43
C THR A 29 1.21 10.75 -2.94
N LYS A 30 2.03 9.72 -2.66
CA LYS A 30 2.59 9.45 -1.32
C LYS A 30 1.55 8.88 -0.35
N THR A 31 0.43 8.45 -0.86
CA THR A 31 -0.68 7.99 -0.04
C THR A 31 -0.70 6.48 0.07
N THR A 32 -1.19 5.96 1.19
CA THR A 32 -1.41 4.54 1.33
C THR A 32 -2.86 4.21 0.97
N THR A 33 -3.03 3.48 -0.12
CA THR A 33 -4.36 3.10 -0.57
C THR A 33 -4.76 1.77 0.07
N TRP A 34 -5.70 1.86 0.99
CA TRP A 34 -6.18 0.70 1.74
C TRP A 34 -7.34 0.07 0.97
N GLU A 35 -7.75 0.76 -0.09
CA GLU A 35 -8.82 0.29 -0.96
C GLU A 35 -8.29 0.08 -2.37
N ASP A 36 -8.74 -1.02 -2.96
CA ASP A 36 -8.25 -1.42 -4.26
C ASP A 36 -8.75 -0.45 -5.33
N PRO A 37 -7.83 0.07 -6.17
CA PRO A 37 -8.18 1.04 -7.23
C PRO A 37 -8.96 0.41 -8.39
N ARG A 38 -9.21 -0.90 -8.27
CA ARG A 38 -10.00 -1.68 -9.24
C ARG A 38 -9.69 -1.32 -10.70
N ARG B 1 -13.48 -6.59 9.52
CA ARG B 1 -13.31 -5.14 9.28
C ARG B 1 -11.84 -4.78 9.30
N LEU B 2 -11.34 -4.25 8.18
CA LEU B 2 -9.93 -3.91 8.06
C LEU B 2 -9.73 -2.41 8.25
N ASP B 3 -8.92 -2.05 9.23
CA ASP B 3 -8.68 -0.64 9.54
C ASP B 3 -7.38 -0.16 8.91
N LEU B 4 -7.43 1.02 8.33
CA LEU B 4 -6.30 1.62 7.65
C LEU B 4 -5.26 2.14 8.66
N PRO B 5 -4.01 1.66 8.57
CA PRO B 5 -2.93 2.10 9.43
C PRO B 5 -2.18 3.29 8.84
N PRO B 6 -1.47 4.06 9.69
CA PRO B 6 -0.60 5.16 9.23
C PRO B 6 0.48 4.65 8.29
N TYR B 7 1.13 5.56 7.58
CA TYR B 7 2.15 5.17 6.62
C TYR B 7 3.46 4.86 7.34
N GLU B 8 3.93 3.63 7.22
CA GLU B 8 5.27 3.23 7.62
C GLU B 8 6.08 2.97 6.37
N THR B 9 7.36 3.33 6.36
CA THR B 9 8.14 3.07 5.18
C THR B 9 8.76 1.68 5.23
N PHE B 10 8.39 0.91 4.25
CA PHE B 10 8.97 -0.39 3.94
C PHE B 10 10.03 -0.15 2.87
N GLU B 11 10.68 -1.21 2.41
CA GLU B 11 11.81 -1.09 1.49
C GLU B 11 11.49 -0.14 0.32
N ASP B 12 12.40 0.82 0.11
CA ASP B 12 12.22 1.87 -0.88
C ASP B 12 12.36 1.33 -2.30
N LEU B 13 11.64 1.94 -3.22
CA LEU B 13 11.67 1.54 -4.61
C LEU B 13 12.82 2.24 -5.35
N PHE A 7 3.91 -4.75 -14.51
CA PHE A 7 2.85 -5.40 -13.71
C PHE A 7 2.09 -4.35 -12.90
N LEU A 8 2.80 -3.72 -11.98
CA LEU A 8 2.24 -2.73 -11.09
C LEU A 8 2.78 -1.35 -11.47
N PRO A 9 1.94 -0.31 -11.46
CA PRO A 9 2.36 1.08 -11.75
C PRO A 9 3.58 1.49 -10.94
N PRO A 10 4.47 2.33 -11.53
CA PRO A 10 5.77 2.67 -10.95
C PRO A 10 5.69 3.33 -9.57
N GLY A 11 4.53 3.84 -9.21
CA GLY A 11 4.36 4.43 -7.89
C GLY A 11 3.39 3.66 -7.05
N TRP A 12 2.75 2.66 -7.62
CA TRP A 12 1.83 1.83 -6.88
C TRP A 12 2.55 0.60 -6.39
N GLU A 13 2.29 0.25 -5.16
CA GLU A 13 2.96 -0.85 -4.54
C GLU A 13 2.04 -1.69 -3.74
N MET A 14 2.42 -2.92 -3.67
CA MET A 14 1.66 -3.91 -2.94
C MET A 14 2.56 -4.57 -1.91
N ARG A 15 2.06 -4.56 -0.72
CA ARG A 15 2.76 -5.03 0.47
C ARG A 15 1.75 -5.58 1.46
N ILE A 16 2.09 -6.69 2.10
CA ILE A 16 1.20 -7.27 3.09
C ILE A 16 1.69 -6.98 4.51
N ALA A 17 0.76 -6.90 5.44
CA ALA A 17 1.10 -6.78 6.84
C ALA A 17 1.22 -8.18 7.42
N PRO A 18 2.07 -8.38 8.45
CA PRO A 18 2.39 -9.72 8.99
C PRO A 18 1.19 -10.54 9.47
N ASN A 19 -0.01 -10.00 9.32
CA ASN A 19 -1.23 -10.69 9.72
C ASN A 19 -2.12 -10.98 8.50
N GLY A 20 -1.54 -10.88 7.30
CA GLY A 20 -2.29 -11.20 6.09
C GLY A 20 -3.01 -9.99 5.52
N ARG A 21 -2.37 -8.84 5.64
CA ARG A 21 -3.04 -7.57 5.36
C ARG A 21 -2.43 -6.86 4.14
N PRO A 22 -3.00 -7.04 2.94
CA PRO A 22 -2.46 -6.51 1.69
C PRO A 22 -2.95 -5.11 1.34
N PHE A 23 -2.01 -4.19 1.09
CA PHE A 23 -2.36 -2.80 0.75
C PHE A 23 -1.58 -2.31 -0.47
N PHE A 24 -2.19 -1.38 -1.22
CA PHE A 24 -1.52 -0.70 -2.31
C PHE A 24 -1.18 0.73 -1.92
N ILE A 25 0.10 1.04 -1.88
CA ILE A 25 0.53 2.41 -1.61
C ILE A 25 0.90 3.10 -2.91
N ASP A 26 0.24 4.20 -3.19
CA ASP A 26 0.68 5.03 -4.29
C ASP A 26 1.66 6.04 -3.73
N HIS A 27 2.85 6.04 -4.29
CA HIS A 27 3.94 6.82 -3.77
C HIS A 27 3.83 8.29 -4.16
N ASN A 28 2.90 8.61 -5.07
CA ASN A 28 2.75 9.99 -5.50
C ASN A 28 1.96 10.83 -4.50
N THR A 29 0.79 10.35 -4.08
CA THR A 29 0.04 11.03 -3.03
C THR A 29 0.58 10.64 -1.65
N LYS A 30 1.22 9.46 -1.60
CA LYS A 30 1.76 8.88 -0.36
C LYS A 30 0.65 8.33 0.52
N THR A 31 -0.34 7.68 -0.09
CA THR A 31 -1.45 7.14 0.67
C THR A 31 -1.54 5.63 0.53
N THR A 32 -1.75 4.96 1.65
CA THR A 32 -1.87 3.52 1.68
C THR A 32 -3.33 3.10 1.49
N THR A 33 -3.70 2.81 0.24
CA THR A 33 -5.08 2.43 -0.06
C THR A 33 -5.22 0.91 0.06
N TRP A 34 -6.40 0.44 0.43
CA TRP A 34 -6.58 -0.99 0.70
C TRP A 34 -7.47 -1.64 -0.35
N GLU A 35 -8.06 -0.83 -1.19
CA GLU A 35 -8.90 -1.32 -2.27
C GLU A 35 -8.26 -1.04 -3.61
N ASP A 36 -8.36 -2.03 -4.48
CA ASP A 36 -7.74 -1.95 -5.79
C ASP A 36 -8.27 -0.73 -6.54
N PRO A 37 -7.38 0.08 -7.11
CA PRO A 37 -7.77 1.32 -7.81
C PRO A 37 -8.57 1.07 -9.09
N ARG A 38 -8.65 -0.19 -9.50
CA ARG A 38 -9.39 -0.55 -10.69
C ARG A 38 -9.88 -1.99 -10.55
N ARG B 1 -14.83 -1.78 8.16
CA ARG B 1 -13.60 -1.31 7.51
C ARG B 1 -12.39 -1.69 8.34
N LEU B 2 -11.37 -2.21 7.68
CA LEU B 2 -10.11 -2.52 8.35
C LEU B 2 -9.44 -1.25 8.85
N ASP B 3 -8.59 -1.38 9.86
CA ASP B 3 -7.92 -0.23 10.44
C ASP B 3 -6.67 0.12 9.63
N LEU B 4 -6.58 1.38 9.21
CA LEU B 4 -5.49 1.84 8.38
C LEU B 4 -4.37 2.46 9.21
N PRO B 5 -3.15 1.98 9.04
CA PRO B 5 -1.98 2.56 9.67
C PRO B 5 -1.35 3.65 8.80
N PRO B 6 -0.93 4.78 9.41
CA PRO B 6 -0.24 5.87 8.71
C PRO B 6 0.98 5.33 7.96
N TYR B 7 1.14 5.73 6.69
CA TYR B 7 2.17 5.16 5.83
C TYR B 7 3.56 5.29 6.46
N GLU B 8 4.18 4.14 6.71
CA GLU B 8 5.58 4.05 7.09
C GLU B 8 6.35 3.46 5.93
N THR B 9 7.60 3.85 5.75
CA THR B 9 8.32 3.32 4.62
C THR B 9 8.97 1.97 4.95
N PHE B 10 8.55 1.00 4.18
CA PHE B 10 9.13 -0.33 4.14
C PHE B 10 10.18 -0.34 3.02
N GLU B 11 10.82 -1.49 2.79
CA GLU B 11 11.95 -1.58 1.84
C GLU B 11 11.64 -0.90 0.50
N ASP B 12 12.67 -0.31 -0.09
CA ASP B 12 12.54 0.55 -1.26
C ASP B 12 11.86 -0.14 -2.45
N LEU B 13 10.76 0.46 -2.90
CA LEU B 13 10.09 0.02 -4.11
C LEU B 13 10.86 0.50 -5.34
N PHE A 7 1.24 -5.06 -14.98
CA PHE A 7 0.75 -5.02 -13.58
C PHE A 7 0.49 -3.58 -13.17
N LEU A 8 0.21 -3.38 -11.89
CA LEU A 8 0.01 -2.04 -11.35
C LEU A 8 1.28 -1.20 -11.54
N PRO A 9 1.11 0.07 -11.97
CA PRO A 9 2.18 1.05 -12.17
C PRO A 9 3.39 0.89 -11.24
N PRO A 10 4.61 1.11 -11.77
CA PRO A 10 5.87 0.93 -11.01
C PRO A 10 6.06 1.95 -9.88
N GLY A 11 5.09 2.84 -9.70
CA GLY A 11 5.10 3.72 -8.54
C GLY A 11 4.12 3.23 -7.51
N TRP A 12 3.42 2.16 -7.84
CA TRP A 12 2.50 1.53 -6.94
C TRP A 12 3.15 0.33 -6.31
N GLU A 13 3.49 0.50 -5.05
CA GLU A 13 4.26 -0.49 -4.31
C GLU A 13 3.36 -1.27 -3.39
N MET A 14 3.45 -2.57 -3.45
CA MET A 14 2.50 -3.41 -2.74
C MET A 14 3.21 -4.37 -1.78
N ARG A 15 2.90 -4.24 -0.51
CA ARG A 15 3.48 -5.10 0.51
C ARG A 15 2.38 -5.55 1.47
N ILE A 16 2.55 -6.74 2.02
CA ILE A 16 1.47 -7.37 2.78
C ILE A 16 1.55 -7.06 4.28
N ALA A 17 0.37 -6.86 4.86
CA ALA A 17 0.18 -6.59 6.27
C ALA A 17 -0.02 -7.92 6.99
N PRO A 18 0.37 -8.02 8.27
CA PRO A 18 0.33 -9.28 9.04
C PRO A 18 -1.05 -9.96 9.08
N ASN A 19 -2.07 -9.28 8.58
CA ASN A 19 -3.42 -9.84 8.52
C ASN A 19 -3.70 -10.45 7.15
N GLY A 20 -2.71 -10.39 6.26
CA GLY A 20 -2.87 -10.92 4.93
C GLY A 20 -3.35 -9.87 3.94
N ARG A 21 -2.87 -8.65 4.13
CA ARG A 21 -3.31 -7.53 3.30
C ARG A 21 -2.17 -6.91 2.50
N PRO A 22 -2.18 -7.02 1.18
CA PRO A 22 -1.25 -6.27 0.36
C PRO A 22 -1.83 -4.90 0.01
N PHE A 23 -1.32 -3.87 0.68
CA PHE A 23 -1.78 -2.51 0.44
C PHE A 23 -0.93 -1.85 -0.62
N PHE A 24 -1.54 -0.93 -1.35
CA PHE A 24 -0.89 -0.34 -2.51
C PHE A 24 -0.50 1.11 -2.23
N ILE A 25 0.80 1.32 -2.16
CA ILE A 25 1.38 2.62 -1.90
C ILE A 25 1.79 3.28 -3.18
N ASP A 26 1.06 4.29 -3.61
CA ASP A 26 1.51 5.04 -4.75
C ASP A 26 2.37 6.18 -4.32
N HIS A 27 3.53 6.11 -4.88
CA HIS A 27 4.63 6.95 -4.49
C HIS A 27 4.55 8.34 -5.12
N ASN A 28 3.65 8.55 -6.07
CA ASN A 28 3.55 9.83 -6.73
C ASN A 28 2.78 10.80 -5.85
N THR A 29 1.62 10.34 -5.43
CA THR A 29 0.78 11.08 -4.53
C THR A 29 1.23 10.95 -3.07
N LYS A 30 2.18 10.04 -2.84
CA LYS A 30 2.72 9.70 -1.50
C LYS A 30 1.62 9.14 -0.60
N THR A 31 0.63 8.51 -1.21
CA THR A 31 -0.49 7.96 -0.46
C THR A 31 -0.59 6.45 -0.69
N THR A 32 -1.10 5.76 0.30
CA THR A 32 -1.28 4.31 0.21
C THR A 32 -2.72 3.93 0.51
N THR A 33 -3.27 3.06 -0.32
CA THR A 33 -4.67 2.72 -0.23
C THR A 33 -4.87 1.35 0.43
N TRP A 34 -5.90 1.29 1.27
CA TRP A 34 -6.23 0.11 2.04
C TRP A 34 -7.18 -0.79 1.25
N GLU A 35 -7.79 -0.19 0.24
CA GLU A 35 -8.70 -0.89 -0.65
C GLU A 35 -8.14 -0.90 -2.04
N ASP A 36 -8.45 -1.94 -2.79
CA ASP A 36 -7.89 -2.10 -4.11
C ASP A 36 -8.44 -1.02 -5.04
N PRO A 37 -7.55 -0.25 -5.71
CA PRO A 37 -7.96 0.91 -6.52
C PRO A 37 -8.72 0.56 -7.80
N ARG A 38 -8.91 -0.73 -8.05
CA ARG A 38 -9.60 -1.15 -9.26
C ARG A 38 -11.07 -1.39 -8.97
N ARG B 1 -12.74 -6.54 11.49
CA ARG B 1 -12.67 -5.18 10.89
C ARG B 1 -11.21 -4.76 10.76
N LEU B 2 -10.79 -4.50 9.54
CA LEU B 2 -9.41 -4.13 9.26
C LEU B 2 -9.22 -2.62 9.28
N ASP B 3 -8.28 -2.16 10.09
CA ASP B 3 -8.03 -0.73 10.26
C ASP B 3 -6.86 -0.27 9.40
N LEU B 4 -7.10 0.77 8.62
CA LEU B 4 -6.04 1.35 7.80
C LEU B 4 -5.16 2.25 8.66
N PRO B 5 -3.86 1.94 8.74
CA PRO B 5 -2.88 2.74 9.46
C PRO B 5 -2.29 3.86 8.61
N PRO B 6 -1.95 4.99 9.24
CA PRO B 6 -1.25 6.10 8.57
C PRO B 6 0.01 5.60 7.86
N TYR B 7 0.45 6.32 6.84
CA TYR B 7 1.52 5.84 5.98
C TYR B 7 2.73 5.42 6.81
N GLU B 8 3.08 4.16 6.70
CA GLU B 8 4.25 3.60 7.35
C GLU B 8 5.28 3.30 6.28
N THR B 9 6.49 3.78 6.41
CA THR B 9 7.46 3.45 5.40
C THR B 9 8.18 2.16 5.75
N PHE B 10 8.00 1.23 4.84
CA PHE B 10 8.59 -0.09 4.89
C PHE B 10 9.80 -0.10 3.97
N GLU B 11 10.46 -1.24 3.84
CA GLU B 11 11.72 -1.35 3.11
C GLU B 11 11.67 -0.68 1.72
N ASP B 12 12.85 -0.25 1.26
CA ASP B 12 12.98 0.53 0.03
C ASP B 12 12.28 -0.14 -1.15
N LEU B 13 11.74 0.70 -2.02
CA LEU B 13 10.92 0.24 -3.12
C LEU B 13 11.78 -0.21 -4.30
#